data_2R0T
#
_entry.id   2R0T
#
_cell.length_a   69.908
_cell.length_b   72.905
_cell.length_c   86.959
_cell.angle_alpha   90.000
_cell.angle_beta   107.940
_cell.angle_gamma   90.000
#
_symmetry.space_group_name_H-M   'P 1 21 1'
#
loop_
_entity.id
_entity.type
_entity.pdbx_description
1 polymer 'Pyridoxamine 5-phosphate-dependent dehydrase'
2 non-polymer 'N-({3-hydroxy-2-methyl-5-[(phosphonooxy)methyl]pyridin-4-yl}methyl)-L-glutamic acid'
3 water water
#
_entity_poly.entity_id   1
_entity_poly.type   'polypeptide(L)'
_entity_poly.pdbx_seq_one_letter_code
;GHMINYPLASSTWDDLEYKAIQSVLDSKMFTMGEYVKQYETQFAKTFGSKYAVMVSSGSTANLLMIAALFFTKKPRLKKG
DEIIVPAVSWSTTYYPLQQYGLRVKFVDIDINTLNIDIESLKEAVTDSTKAILTVNLLGNPNNFDEINKIIGGRDIILLE
DNCESMGATFNNKCAGTFGLMGTFSSFYSKHIATMEGGCIVTDDEEIYHILLCIRAHGWTRNLPKKNKVTGVKSDDQFEE
SFKFVLPGYNVRPLEMSGAIGIEQLKKLPRFISVRRKNAEYFLDKFKDHPYLDVQQETGESSWFGFSFIIKKDSGVIRKQ
LVENLNSAGIECRPIVTGNFLKNTDVLKYFDYTVHNNVDNAEYLDKNGLFVGNHQIELFDEIDYLREVLK
;
_entity_poly.pdbx_strand_id   A,B
#
loop_
_chem_comp.id
_chem_comp.type
_chem_comp.name
_chem_comp.formula
PGU non-polymer 'N-({3-hydroxy-2-methyl-5-[(phosphonooxy)methyl]pyridin-4-yl}methyl)-L-glutamic acid' 'C13 H19 N2 O9 P'
#
# COMPACT_ATOMS: atom_id res chain seq x y z
N ASN A 5 -9.45 31.42 -7.97
CA ASN A 5 -10.86 31.83 -8.04
C ASN A 5 -11.80 30.65 -7.77
N TYR A 6 -11.78 29.67 -8.67
CA TYR A 6 -12.65 28.51 -8.61
C TYR A 6 -11.81 27.25 -8.82
N PRO A 7 -11.40 26.66 -7.70
CA PRO A 7 -10.53 25.48 -7.69
C PRO A 7 -11.25 24.17 -7.86
N LEU A 8 -10.48 23.13 -8.11
CA LEU A 8 -11.08 21.82 -8.28
C LEU A 8 -11.28 21.21 -6.90
N ALA A 9 -10.59 21.76 -5.91
CA ALA A 9 -10.55 21.27 -4.53
C ALA A 9 -10.69 22.24 -3.38
N SER A 10 -11.59 21.92 -2.45
CA SER A 10 -11.72 22.73 -1.25
C SER A 10 -11.63 21.78 -0.07
N SER A 11 -11.33 22.30 1.12
CA SER A 11 -11.21 21.49 2.34
C SER A 11 -12.56 21.15 2.91
N THR A 12 -12.67 19.94 3.46
CA THR A 12 -13.93 19.51 4.03
C THR A 12 -13.86 19.58 5.55
N TRP A 13 -12.71 19.89 6.09
CA TRP A 13 -12.65 19.83 7.54
C TRP A 13 -13.11 21.07 8.24
N ASP A 14 -13.20 20.89 9.56
CA ASP A 14 -13.47 21.91 10.58
C ASP A 14 -12.74 21.58 11.91
N ASP A 15 -13.15 22.26 12.98
CA ASP A 15 -12.53 22.14 14.31
C ASP A 15 -12.47 20.69 14.63
N LEU A 16 -13.60 20.04 14.35
CA LEU A 16 -13.83 18.63 14.60
C LEU A 16 -12.79 17.66 14.05
N GLU A 17 -12.37 17.82 12.81
CA GLU A 17 -11.36 16.92 12.33
C GLU A 17 -10.09 17.09 13.16
N TYR A 18 -9.76 18.34 13.47
CA TYR A 18 -8.56 18.63 14.27
C TYR A 18 -8.62 18.01 15.67
N LYS A 19 -9.79 18.10 16.29
CA LYS A 19 -9.99 17.56 17.62
C LYS A 19 -9.80 16.07 17.58
N ALA A 20 -10.33 15.45 16.52
CA ALA A 20 -10.23 14.01 16.36
C ALA A 20 -8.74 13.63 16.32
N ILE A 21 -7.96 14.48 15.68
CA ILE A 21 -6.53 14.23 15.63
C ILE A 21 -5.88 14.31 17.03
N GLN A 22 -6.29 15.32 17.80
CA GLN A 22 -5.86 15.47 19.18
C GLN A 22 -6.19 14.23 20.00
N SER A 23 -7.43 13.78 19.87
CA SER A 23 -7.95 12.59 20.52
C SER A 23 -6.98 11.45 20.26
N VAL A 24 -6.56 11.32 19.01
CA VAL A 24 -5.66 10.27 18.63
C VAL A 24 -4.28 10.48 19.28
N LEU A 25 -3.78 11.72 19.21
CA LEU A 25 -2.48 12.03 19.83
C LEU A 25 -2.51 11.61 21.29
N ASP A 26 -3.54 12.08 21.98
CA ASP A 26 -3.69 11.84 23.39
C ASP A 26 -3.80 10.37 23.76
N SER A 27 -4.24 9.54 22.81
CA SER A 27 -4.38 8.11 23.09
C SER A 27 -3.01 7.39 23.06
N LYS A 28 -2.11 7.89 22.22
CA LYS A 28 -0.80 7.28 22.06
C LYS A 28 -0.83 5.83 21.50
N MET A 29 -1.85 5.57 20.69
CA MET A 29 -2.08 4.35 19.91
C MET A 29 -2.34 4.88 18.48
N PHE A 30 -1.31 4.82 17.63
CA PHE A 30 -1.31 5.44 16.29
C PHE A 30 -1.65 4.59 15.08
N THR A 31 -1.28 3.33 15.22
CA THR A 31 -1.50 2.35 14.18
C THR A 31 -2.93 1.82 14.34
N MET A 32 -3.45 1.32 13.22
CA MET A 32 -4.80 0.81 13.05
C MET A 32 -5.47 0.16 14.25
N GLY A 33 -6.45 0.85 14.83
CA GLY A 33 -7.17 0.36 16.02
C GLY A 33 -8.68 0.65 16.19
N GLU A 34 -8.99 1.21 17.35
CA GLU A 34 -10.36 1.52 17.77
C GLU A 34 -11.14 2.32 16.77
N TYR A 35 -10.58 3.50 16.52
CA TYR A 35 -11.16 4.40 15.58
C TYR A 35 -11.35 3.69 14.24
N VAL A 36 -10.28 3.10 13.71
CA VAL A 36 -10.44 2.47 12.40
C VAL A 36 -11.63 1.52 12.49
N LYS A 37 -11.66 0.66 13.50
CA LYS A 37 -12.77 -0.31 13.68
C LYS A 37 -14.12 0.36 13.86
N GLN A 38 -14.16 1.41 14.68
CA GLN A 38 -15.40 2.12 14.80
C GLN A 38 -15.76 2.66 13.42
N TYR A 39 -14.78 3.27 12.79
CA TYR A 39 -15.04 3.86 11.47
C TYR A 39 -15.64 2.84 10.45
N GLU A 40 -15.11 1.62 10.44
CA GLU A 40 -15.64 0.61 9.51
C GLU A 40 -17.11 0.26 9.76
N THR A 41 -17.49 0.26 11.03
CA THR A 41 -18.85 -0.08 11.40
C THR A 41 -19.79 0.97 10.87
N GLN A 42 -19.41 2.20 11.16
CA GLN A 42 -20.17 3.36 10.69
C GLN A 42 -20.31 3.35 9.16
N PHE A 43 -19.19 3.14 8.48
CA PHE A 43 -19.18 3.12 7.03
C PHE A 43 -20.18 2.08 6.46
N ALA A 44 -20.13 0.89 7.02
CA ALA A 44 -21.01 -0.15 6.53
C ALA A 44 -22.45 0.23 6.77
N LYS A 45 -22.72 0.64 8.01
CA LYS A 45 -24.08 1.03 8.38
C LYS A 45 -24.50 2.11 7.42
N THR A 46 -23.59 3.07 7.23
CA THR A 46 -23.90 4.18 6.36
C THR A 46 -24.35 3.84 4.95
N PHE A 47 -23.69 2.90 4.26
CA PHE A 47 -24.05 2.61 2.87
C PHE A 47 -24.88 1.36 2.68
N GLY A 48 -25.15 0.65 3.78
CA GLY A 48 -26.02 -0.51 3.66
C GLY A 48 -25.34 -1.81 3.23
N SER A 49 -24.10 -1.99 3.68
CA SER A 49 -23.45 -3.28 3.45
C SER A 49 -23.25 -3.92 4.84
N LYS A 50 -23.02 -5.24 4.86
CA LYS A 50 -22.81 -5.91 6.15
C LYS A 50 -21.44 -5.56 6.71
N TYR A 51 -20.46 -5.49 5.79
CA TYR A 51 -19.05 -5.24 6.11
C TYR A 51 -18.35 -4.12 5.37
N ALA A 52 -17.32 -3.55 5.97
CA ALA A 52 -16.52 -2.49 5.32
C ALA A 52 -15.12 -2.75 5.81
N VAL A 53 -14.09 -2.55 4.99
CA VAL A 53 -12.74 -2.73 5.52
C VAL A 53 -11.93 -1.54 5.06
N MET A 54 -11.32 -0.86 6.02
CA MET A 54 -10.56 0.33 5.65
C MET A 54 -9.12 0.08 5.25
N VAL A 55 -8.72 0.65 4.12
CA VAL A 55 -7.31 0.52 3.71
C VAL A 55 -6.61 1.89 3.55
N SER A 56 -5.33 1.82 3.13
CA SER A 56 -4.54 3.03 2.99
C SER A 56 -4.94 4.00 1.88
N SER A 57 -5.73 3.58 0.88
CA SER A 57 -6.12 4.53 -0.13
C SER A 57 -7.10 3.82 -1.00
N GLY A 58 -7.80 4.55 -1.88
CA GLY A 58 -8.69 3.84 -2.78
C GLY A 58 -7.94 2.92 -3.77
N SER A 59 -6.68 3.19 -4.04
CA SER A 59 -5.91 2.38 -5.00
C SER A 59 -5.70 0.99 -4.37
N THR A 60 -5.27 0.99 -3.12
CA THR A 60 -5.06 -0.29 -2.47
C THR A 60 -6.38 -0.98 -2.19
N ALA A 61 -7.48 -0.23 -2.21
CA ALA A 61 -8.81 -0.82 -2.00
C ALA A 61 -9.06 -1.60 -3.30
N ASN A 62 -8.72 -1.03 -4.45
CA ASN A 62 -8.86 -1.76 -5.69
C ASN A 62 -7.94 -2.98 -5.73
N LEU A 63 -6.74 -2.85 -5.20
CA LEU A 63 -5.80 -3.98 -5.24
C LEU A 63 -6.35 -5.18 -4.48
N LEU A 64 -6.68 -4.98 -3.23
CA LEU A 64 -7.20 -6.12 -2.50
C LEU A 64 -8.52 -6.65 -3.06
N MET A 65 -9.32 -5.78 -3.66
CA MET A 65 -10.61 -6.20 -4.20
C MET A 65 -10.34 -7.29 -5.22
N ILE A 66 -9.38 -7.07 -6.10
CA ILE A 66 -9.07 -8.11 -7.09
C ILE A 66 -8.39 -9.30 -6.45
N ALA A 67 -7.38 -8.99 -5.66
CA ALA A 67 -6.65 -10.01 -4.95
C ALA A 67 -7.56 -11.01 -4.25
N ALA A 68 -8.53 -10.52 -3.49
CA ALA A 68 -9.32 -11.43 -2.64
C ALA A 68 -9.91 -12.58 -3.43
N LEU A 69 -10.26 -12.32 -4.69
CA LEU A 69 -10.95 -13.30 -5.57
C LEU A 69 -10.23 -14.58 -5.95
N PHE A 70 -8.93 -14.53 -5.73
CA PHE A 70 -8.01 -15.62 -6.02
C PHE A 70 -7.81 -16.53 -4.81
N PHE A 71 -8.21 -16.04 -3.64
CA PHE A 71 -8.02 -16.80 -2.41
C PHE A 71 -9.31 -17.31 -1.75
N THR A 72 -10.43 -17.32 -2.46
CA THR A 72 -11.63 -17.90 -1.87
C THR A 72 -11.36 -19.41 -1.96
N LYS A 73 -11.90 -20.21 -1.03
CA LYS A 73 -11.72 -21.69 -0.99
C LYS A 73 -11.92 -22.30 -2.36
N LYS A 74 -12.90 -21.73 -3.06
CA LYS A 74 -13.16 -22.03 -4.45
C LYS A 74 -12.81 -20.70 -5.16
N PRO A 75 -11.55 -20.55 -5.53
CA PRO A 75 -11.08 -19.32 -6.17
C PRO A 75 -12.06 -18.81 -7.21
N ARG A 76 -12.46 -17.55 -7.11
CA ARG A 76 -13.40 -17.11 -8.08
C ARG A 76 -12.82 -16.56 -9.36
N LEU A 77 -11.54 -16.26 -9.33
CA LEU A 77 -10.91 -15.73 -10.53
C LEU A 77 -9.58 -16.44 -10.72
N LYS A 78 -9.15 -16.57 -11.95
CA LYS A 78 -7.84 -17.18 -12.20
C LYS A 78 -7.04 -16.46 -13.27
N LYS A 79 -5.73 -16.69 -13.23
CA LYS A 79 -4.88 -16.04 -14.22
C LYS A 79 -5.44 -16.35 -15.64
N GLY A 80 -5.54 -15.36 -16.52
CA GLY A 80 -6.02 -15.62 -17.88
C GLY A 80 -7.47 -15.25 -17.97
N ASP A 81 -8.15 -15.25 -16.82
CA ASP A 81 -9.59 -14.90 -16.77
C ASP A 81 -9.93 -13.58 -17.44
N GLU A 82 -11.02 -13.58 -18.20
CA GLU A 82 -11.44 -12.33 -18.85
C GLU A 82 -12.24 -11.45 -17.92
N ILE A 83 -11.82 -10.19 -17.85
CA ILE A 83 -12.51 -9.16 -17.06
C ILE A 83 -12.90 -7.95 -17.95
N ILE A 84 -14.11 -7.48 -17.84
CA ILE A 84 -14.43 -6.31 -18.66
C ILE A 84 -14.36 -5.00 -17.89
N VAL A 85 -13.82 -3.99 -18.57
CA VAL A 85 -13.73 -2.65 -17.96
C VAL A 85 -14.10 -1.63 -19.04
N PRO A 86 -14.46 -0.44 -18.59
CA PRO A 86 -14.71 0.70 -19.45
C PRO A 86 -13.37 1.39 -19.75
N ALA A 87 -13.35 2.16 -20.82
CA ALA A 87 -12.11 2.82 -21.25
C ALA A 87 -11.66 4.08 -20.52
N VAL A 88 -12.54 4.64 -19.68
CA VAL A 88 -12.28 5.85 -18.91
C VAL A 88 -12.40 5.60 -17.41
N SER A 89 -11.30 5.85 -16.69
CA SER A 89 -11.24 5.71 -15.23
C SER A 89 -9.84 6.11 -14.84
N TRP A 90 -9.58 6.11 -13.52
CA TRP A 90 -8.24 6.29 -12.96
C TRP A 90 -7.34 5.07 -13.25
N SER A 91 -6.06 5.36 -13.40
CA SER A 91 -5.13 4.30 -13.67
C SER A 91 -5.23 3.07 -12.74
N THR A 92 -5.38 3.33 -11.44
CA THR A 92 -5.26 2.24 -10.49
C THR A 92 -6.52 1.44 -10.48
N THR A 93 -7.46 1.71 -11.37
CA THR A 93 -8.60 0.81 -11.50
C THR A 93 -8.04 -0.36 -12.33
N TYR A 94 -7.09 -0.08 -13.23
CA TYR A 94 -6.58 -1.10 -14.14
C TYR A 94 -5.36 -1.86 -13.70
N TYR A 95 -4.45 -1.15 -13.04
CA TYR A 95 -3.23 -1.81 -12.69
C TYR A 95 -3.41 -3.20 -12.07
N PRO A 96 -4.31 -3.28 -11.11
CA PRO A 96 -4.48 -4.55 -10.37
C PRO A 96 -4.79 -5.78 -11.25
N LEU A 97 -5.49 -5.58 -12.37
CA LEU A 97 -5.88 -6.62 -13.32
C LEU A 97 -4.57 -7.12 -13.91
N GLN A 98 -3.67 -6.17 -14.21
CA GLN A 98 -2.38 -6.55 -14.77
C GLN A 98 -1.54 -7.31 -13.77
N GLN A 99 -1.53 -6.85 -12.53
CA GLN A 99 -0.64 -7.43 -11.54
C GLN A 99 -1.11 -8.83 -11.20
N TYR A 100 -2.37 -9.10 -11.52
CA TYR A 100 -2.91 -10.42 -11.22
C TYR A 100 -3.02 -11.31 -12.48
N GLY A 101 -2.46 -10.86 -13.59
CA GLY A 101 -2.54 -11.71 -14.77
C GLY A 101 -3.93 -11.90 -15.36
N LEU A 102 -4.84 -10.95 -15.20
CA LEU A 102 -6.14 -11.11 -15.84
C LEU A 102 -6.10 -10.61 -17.27
N ARG A 103 -6.99 -11.15 -18.06
CA ARG A 103 -7.08 -10.75 -19.45
C ARG A 103 -8.09 -9.60 -19.44
N VAL A 104 -7.73 -8.43 -19.94
CA VAL A 104 -8.62 -7.26 -19.86
C VAL A 104 -9.31 -6.88 -21.14
N LYS A 105 -10.63 -6.78 -21.05
CA LYS A 105 -11.39 -6.39 -22.23
C LYS A 105 -12.02 -5.05 -21.98
N PHE A 106 -11.52 -4.09 -22.73
CA PHE A 106 -12.07 -2.76 -22.69
C PHE A 106 -13.30 -2.56 -23.51
N VAL A 107 -14.25 -1.81 -22.98
CA VAL A 107 -15.49 -1.42 -23.65
C VAL A 107 -15.63 0.13 -23.59
N ASP A 108 -16.16 0.77 -24.66
CA ASP A 108 -16.30 2.24 -24.76
C ASP A 108 -17.34 2.69 -23.77
N ILE A 109 -17.43 4.00 -23.59
CA ILE A 109 -18.34 4.59 -22.63
C ILE A 109 -19.44 5.13 -23.47
N ASP A 110 -20.51 5.43 -22.76
CA ASP A 110 -21.67 6.09 -23.30
C ASP A 110 -21.27 7.59 -23.18
N ILE A 111 -21.35 8.33 -24.28
CA ILE A 111 -20.94 9.72 -24.23
C ILE A 111 -21.91 10.64 -23.44
N ASN A 112 -23.10 10.14 -23.12
CA ASN A 112 -24.00 10.92 -22.30
C ASN A 112 -23.77 10.70 -20.84
N THR A 113 -23.83 9.45 -20.43
CA THR A 113 -23.59 9.20 -19.01
C THR A 113 -22.10 9.18 -18.62
N LEU A 114 -21.25 9.04 -19.63
CA LEU A 114 -19.82 8.95 -19.37
C LEU A 114 -19.52 7.64 -18.68
N ASN A 115 -20.54 6.81 -18.52
CA ASN A 115 -20.31 5.46 -18.00
C ASN A 115 -20.19 4.41 -19.12
N ILE A 116 -19.87 3.16 -18.76
CA ILE A 116 -19.71 2.05 -19.71
C ILE A 116 -20.91 1.93 -20.61
N ASP A 117 -20.69 1.89 -21.90
CA ASP A 117 -21.79 1.82 -22.83
C ASP A 117 -22.51 0.48 -22.79
N ILE A 118 -23.81 0.58 -22.58
CA ILE A 118 -24.62 -0.60 -22.35
C ILE A 118 -24.76 -1.55 -23.49
N GLU A 119 -25.01 -0.98 -24.67
CA GLU A 119 -25.18 -1.80 -25.86
C GLU A 119 -23.86 -2.47 -26.22
N SER A 120 -22.74 -1.85 -25.88
CA SER A 120 -21.44 -2.45 -26.20
C SER A 120 -21.22 -3.59 -25.21
N LEU A 121 -21.62 -3.32 -23.97
CA LEU A 121 -21.53 -4.30 -22.92
C LEU A 121 -22.21 -5.60 -23.32
N LYS A 122 -23.49 -5.48 -23.71
CA LYS A 122 -24.34 -6.62 -24.09
C LYS A 122 -23.60 -7.56 -25.00
N GLU A 123 -23.15 -6.99 -26.10
CA GLU A 123 -22.44 -7.76 -27.07
C GLU A 123 -21.07 -8.12 -26.62
N ALA A 124 -20.52 -7.39 -25.66
CA ALA A 124 -19.12 -7.71 -25.35
C ALA A 124 -19.12 -8.90 -24.45
N VAL A 125 -20.29 -9.18 -23.86
CA VAL A 125 -20.39 -10.30 -22.96
C VAL A 125 -20.52 -11.71 -23.55
N THR A 126 -19.76 -12.62 -22.95
CA THR A 126 -19.69 -14.02 -23.36
C THR A 126 -19.61 -15.03 -22.22
N ASP A 127 -19.27 -16.25 -22.64
CA ASP A 127 -19.17 -17.33 -21.66
C ASP A 127 -17.76 -17.38 -21.04
N SER A 128 -16.86 -16.68 -21.72
CA SER A 128 -15.49 -16.48 -21.26
C SER A 128 -15.42 -15.35 -20.23
N THR A 129 -16.34 -14.38 -20.27
CA THR A 129 -16.37 -13.30 -19.27
C THR A 129 -16.59 -13.81 -17.82
N LYS A 130 -15.65 -13.54 -16.91
CA LYS A 130 -15.77 -13.95 -15.52
C LYS A 130 -16.27 -12.85 -14.60
N ALA A 131 -16.05 -11.62 -15.02
CA ALA A 131 -16.37 -10.53 -14.13
C ALA A 131 -16.43 -9.27 -14.91
N ILE A 132 -17.13 -8.31 -14.31
CA ILE A 132 -17.31 -6.96 -14.87
C ILE A 132 -16.95 -5.97 -13.80
N LEU A 133 -15.99 -5.12 -14.10
CA LEU A 133 -15.57 -4.15 -13.10
C LEU A 133 -16.15 -2.83 -13.60
N THR A 134 -17.19 -2.34 -12.97
CA THR A 134 -17.72 -1.04 -13.39
C THR A 134 -17.12 0.08 -12.50
N VAL A 135 -17.21 1.29 -13.04
CA VAL A 135 -16.71 2.45 -12.31
C VAL A 135 -17.88 3.43 -12.33
N ASN A 136 -18.34 3.98 -11.19
CA ASN A 136 -19.38 4.99 -11.27
C ASN A 136 -18.65 6.27 -11.50
N LEU A 137 -18.78 6.83 -12.70
CA LEU A 137 -18.02 8.02 -13.06
C LEU A 137 -18.56 9.38 -12.63
N LEU A 138 -17.70 10.12 -11.94
CA LEU A 138 -17.93 11.49 -11.50
C LEU A 138 -19.13 11.67 -10.59
N GLY A 139 -19.55 10.57 -9.95
CA GLY A 139 -20.66 10.60 -9.00
C GLY A 139 -21.89 9.93 -9.58
N ASN A 140 -21.82 9.60 -10.86
CA ASN A 140 -22.96 9.05 -11.61
C ASN A 140 -23.00 7.49 -11.56
N PRO A 141 -24.03 6.88 -10.99
CA PRO A 141 -24.06 5.39 -10.94
C PRO A 141 -24.35 4.72 -12.30
N ASN A 142 -23.92 3.47 -12.46
CA ASN A 142 -24.19 2.78 -13.73
C ASN A 142 -25.65 2.38 -13.65
N ASN A 143 -26.29 2.13 -14.76
CA ASN A 143 -27.64 1.69 -14.58
C ASN A 143 -27.57 0.20 -14.23
N PHE A 144 -27.50 -0.12 -12.96
CA PHE A 144 -27.39 -1.53 -12.66
C PHE A 144 -28.56 -2.38 -13.07
N ASP A 145 -29.68 -1.77 -13.42
CA ASP A 145 -30.81 -2.63 -13.75
C ASP A 145 -30.42 -3.42 -14.98
N GLU A 146 -30.02 -2.64 -15.99
CA GLU A 146 -29.60 -3.20 -17.26
C GLU A 146 -28.38 -4.09 -17.15
N ILE A 147 -27.48 -3.76 -16.25
CA ILE A 147 -26.29 -4.58 -16.12
C ILE A 147 -26.74 -5.92 -15.58
N ASN A 148 -27.62 -5.91 -14.59
CA ASN A 148 -28.13 -7.18 -14.09
C ASN A 148 -28.89 -7.99 -15.14
N LYS A 149 -29.51 -7.34 -16.12
CA LYS A 149 -30.22 -8.09 -17.14
C LYS A 149 -29.28 -8.77 -18.10
N ILE A 150 -28.18 -8.07 -18.37
CA ILE A 150 -27.16 -8.55 -19.29
C ILE A 150 -26.41 -9.73 -18.69
N ILE A 151 -26.11 -9.65 -17.40
CA ILE A 151 -25.44 -10.76 -16.76
C ILE A 151 -26.37 -11.94 -16.83
N GLY A 152 -27.61 -11.71 -16.43
CA GLY A 152 -28.61 -12.75 -16.46
C GLY A 152 -28.16 -14.05 -15.81
N GLY A 153 -28.11 -14.08 -14.49
CA GLY A 153 -27.75 -15.28 -13.72
C GLY A 153 -26.45 -16.07 -14.02
N ARG A 154 -25.73 -15.69 -15.08
CA ARG A 154 -24.45 -16.33 -15.42
C ARG A 154 -23.34 -16.07 -14.43
N ASP A 155 -22.43 -17.02 -14.31
CA ASP A 155 -21.32 -16.85 -13.36
C ASP A 155 -20.35 -15.74 -13.72
N ILE A 156 -20.84 -14.52 -13.63
CA ILE A 156 -20.07 -13.34 -13.95
C ILE A 156 -20.11 -12.46 -12.74
N ILE A 157 -18.96 -12.22 -12.13
CA ILE A 157 -18.94 -11.34 -10.97
C ILE A 157 -19.05 -9.83 -11.29
N LEU A 158 -19.77 -9.11 -10.44
CA LEU A 158 -19.91 -7.68 -10.67
C LEU A 158 -19.09 -6.93 -9.60
N LEU A 159 -18.32 -5.94 -10.02
CA LEU A 159 -17.48 -5.26 -9.05
C LEU A 159 -17.68 -3.80 -9.31
N GLU A 160 -17.43 -2.93 -8.33
CA GLU A 160 -17.54 -1.50 -8.55
C GLU A 160 -16.34 -0.75 -8.01
N ASP A 161 -15.74 0.10 -8.85
CA ASP A 161 -14.80 1.12 -8.35
C ASP A 161 -15.74 2.37 -8.14
N ASN A 162 -15.99 2.69 -6.87
CA ASN A 162 -16.87 3.79 -6.52
C ASN A 162 -16.03 4.90 -5.93
N CYS A 163 -14.79 5.02 -6.36
CA CYS A 163 -13.94 6.04 -5.73
C CYS A 163 -14.32 7.49 -5.95
N GLU A 164 -15.13 7.71 -6.98
CA GLU A 164 -15.63 9.06 -7.35
C GLU A 164 -17.11 9.32 -7.07
N SER A 165 -17.81 8.27 -6.63
CA SER A 165 -19.27 8.33 -6.46
C SER A 165 -19.80 8.02 -5.06
N MET A 166 -19.02 8.35 -4.03
CA MET A 166 -19.50 8.09 -2.67
C MET A 166 -20.82 8.85 -2.51
N GLY A 167 -21.83 8.19 -1.96
CA GLY A 167 -23.10 8.90 -1.83
C GLY A 167 -24.11 8.73 -2.97
N ALA A 168 -23.64 8.47 -4.20
CA ALA A 168 -24.56 8.28 -5.32
C ALA A 168 -25.53 7.11 -4.96
N THR A 169 -26.73 7.09 -5.54
CA THR A 169 -27.61 5.95 -5.31
C THR A 169 -28.40 5.80 -6.57
N PHE A 170 -28.92 4.58 -6.73
CA PHE A 170 -29.67 4.19 -7.91
C PHE A 170 -30.77 3.33 -7.30
N ASN A 171 -32.03 3.68 -7.55
CA ASN A 171 -33.14 2.89 -7.02
C ASN A 171 -33.05 2.55 -5.54
N ASN A 172 -32.81 3.57 -4.73
CA ASN A 172 -32.78 3.37 -3.29
C ASN A 172 -31.68 2.52 -2.73
N LYS A 173 -30.60 2.38 -3.50
CA LYS A 173 -29.45 1.61 -3.05
C LYS A 173 -28.23 2.42 -3.35
N CYS A 174 -27.30 2.32 -2.43
CA CYS A 174 -26.06 3.04 -2.52
C CYS A 174 -25.11 2.41 -3.53
N ALA A 175 -24.56 3.24 -4.41
CA ALA A 175 -23.60 2.80 -5.40
C ALA A 175 -22.46 2.22 -4.56
N GLY A 176 -21.78 1.20 -5.05
CA GLY A 176 -20.69 0.62 -4.26
C GLY A 176 -21.18 -0.69 -3.64
N THR A 177 -22.50 -0.78 -3.46
CA THR A 177 -23.05 -1.96 -2.80
C THR A 177 -23.75 -2.89 -3.76
N PHE A 178 -23.76 -2.53 -5.01
CA PHE A 178 -24.29 -3.42 -6.02
C PHE A 178 -23.31 -4.57 -6.32
N GLY A 179 -21.99 -4.35 -6.39
CA GLY A 179 -21.11 -5.46 -6.75
C GLY A 179 -20.82 -6.46 -5.61
N LEU A 180 -20.09 -7.54 -5.90
CA LEU A 180 -19.69 -8.42 -4.80
C LEU A 180 -18.85 -7.60 -3.78
N MET A 181 -18.10 -6.63 -4.31
CA MET A 181 -17.31 -5.68 -3.56
C MET A 181 -17.47 -4.36 -4.26
N GLY A 182 -17.25 -3.28 -3.50
CA GLY A 182 -17.34 -1.95 -4.07
C GLY A 182 -16.19 -1.25 -3.37
N THR A 183 -15.40 -0.44 -4.07
CA THR A 183 -14.32 0.31 -3.35
C THR A 183 -14.61 1.83 -3.21
N PHE A 184 -14.06 2.49 -2.18
CA PHE A 184 -14.24 3.94 -1.95
C PHE A 184 -12.90 4.59 -1.65
N SER A 185 -12.88 5.91 -1.79
CA SER A 185 -11.62 6.63 -1.53
C SER A 185 -11.90 7.79 -0.65
N SER A 186 -11.08 8.00 0.39
CA SER A 186 -11.23 9.27 1.19
C SER A 186 -9.99 10.19 1.08
N PHE A 187 -9.39 10.15 -0.11
CA PHE A 187 -8.29 11.00 -0.49
C PHE A 187 -8.79 12.46 -0.47
N TYR A 188 -7.86 13.33 -0.14
CA TYR A 188 -8.06 14.75 -0.01
C TYR A 188 -9.16 15.34 -0.92
N SER A 189 -9.05 15.09 -2.23
CA SER A 189 -9.95 15.64 -3.25
C SER A 189 -11.33 15.02 -3.45
N LYS A 190 -11.62 13.91 -2.75
CA LYS A 190 -12.87 13.15 -2.81
C LYS A 190 -14.12 13.69 -1.99
N HIS A 191 -15.23 12.95 -1.86
CA HIS A 191 -16.44 13.43 -1.16
C HIS A 191 -16.14 13.69 0.30
N ILE A 192 -15.12 13.01 0.82
CA ILE A 192 -14.72 13.27 2.19
C ILE A 192 -13.23 13.00 2.14
N ALA A 193 -12.53 13.35 3.21
CA ALA A 193 -11.08 13.15 3.24
C ALA A 193 -10.51 12.83 4.61
N THR A 194 -9.66 11.82 4.63
CA THR A 194 -9.02 11.38 5.88
C THR A 194 -7.52 11.48 5.60
N MET A 195 -7.15 12.45 4.76
CA MET A 195 -5.77 12.69 4.25
C MET A 195 -5.58 11.68 3.07
N GLU A 196 -5.43 10.41 3.40
CA GLU A 196 -5.45 9.34 2.38
C GLU A 196 -6.36 8.30 3.02
N GLY A 197 -6.96 7.42 2.24
CA GLY A 197 -7.77 6.34 2.82
C GLY A 197 -8.66 5.78 1.74
N GLY A 198 -9.03 4.52 1.90
CA GLY A 198 -9.96 3.86 0.96
C GLY A 198 -10.73 2.82 1.76
N CYS A 199 -11.76 2.26 1.15
CA CYS A 199 -12.53 1.26 1.89
C CYS A 199 -13.11 0.25 0.94
N ILE A 200 -13.15 -1.01 1.35
CA ILE A 200 -13.87 -1.99 0.52
C ILE A 200 -15.10 -2.36 1.33
N VAL A 201 -16.20 -2.53 0.61
CA VAL A 201 -17.45 -2.96 1.20
C VAL A 201 -17.88 -4.28 0.54
N THR A 202 -18.55 -5.11 1.31
CA THR A 202 -19.03 -6.41 0.85
C THR A 202 -19.98 -6.94 1.90
N ASP A 203 -20.88 -7.81 1.41
CA ASP A 203 -21.83 -8.55 2.25
C ASP A 203 -21.40 -10.01 2.36
N ASP A 204 -20.27 -10.33 1.72
CA ASP A 204 -19.65 -11.66 1.77
C ASP A 204 -18.64 -11.83 2.91
N GLU A 205 -19.02 -12.70 3.83
CA GLU A 205 -18.19 -12.96 4.98
C GLU A 205 -16.90 -13.66 4.65
N GLU A 206 -16.90 -14.49 3.62
CA GLU A 206 -15.70 -15.22 3.27
C GLU A 206 -14.70 -14.18 2.78
N ILE A 207 -15.13 -13.43 1.79
CA ILE A 207 -14.37 -12.32 1.20
C ILE A 207 -14.02 -11.37 2.31
N TYR A 208 -14.97 -11.12 3.19
CA TYR A 208 -14.66 -10.26 4.31
C TYR A 208 -13.46 -10.75 5.15
N HIS A 209 -13.36 -12.03 5.47
CA HIS A 209 -12.22 -12.46 6.29
C HIS A 209 -10.88 -12.45 5.54
N ILE A 210 -10.96 -12.76 4.26
CA ILE A 210 -9.79 -12.72 3.38
C ILE A 210 -9.25 -11.29 3.37
N LEU A 211 -10.14 -10.31 3.17
CA LEU A 211 -9.71 -8.91 3.14
C LEU A 211 -9.00 -8.56 4.43
N LEU A 212 -9.53 -9.00 5.57
CA LEU A 212 -8.92 -8.74 6.88
C LEU A 212 -7.51 -9.23 7.00
N CYS A 213 -7.28 -10.35 6.32
CA CYS A 213 -6.01 -11.04 6.32
C CYS A 213 -4.98 -10.43 5.32
N ILE A 214 -5.35 -10.23 4.05
CA ILE A 214 -4.36 -9.74 3.10
C ILE A 214 -4.06 -8.27 3.26
N ARG A 215 -4.88 -7.59 4.08
CA ARG A 215 -4.64 -6.15 4.38
C ARG A 215 -3.43 -6.00 5.26
N ALA A 216 -3.11 -7.04 6.02
CA ALA A 216 -2.02 -6.85 6.93
C ALA A 216 -1.22 -8.08 7.12
N HIS A 217 -0.15 -8.23 6.34
CA HIS A 217 0.81 -9.29 6.54
C HIS A 217 0.41 -10.72 6.24
N GLY A 218 -0.84 -10.94 5.78
CA GLY A 218 -1.32 -12.32 5.49
C GLY A 218 -1.52 -13.15 6.77
N TRP A 219 -1.55 -12.48 7.92
CA TRP A 219 -1.75 -13.11 9.23
C TRP A 219 -3.20 -13.25 9.70
N THR A 220 -3.34 -13.81 10.89
CA THR A 220 -4.66 -14.09 11.42
C THR A 220 -5.09 -13.29 12.63
N ARG A 221 -4.21 -12.37 13.03
CA ARG A 221 -4.43 -11.50 14.15
C ARG A 221 -5.72 -10.72 14.16
N ASN A 222 -6.26 -10.47 12.97
CA ASN A 222 -7.52 -9.74 12.90
C ASN A 222 -8.65 -10.62 12.49
N LEU A 223 -8.40 -11.92 12.48
CA LEU A 223 -9.47 -12.84 12.21
C LEU A 223 -10.20 -13.15 13.54
N PRO A 224 -11.44 -13.65 13.47
CA PRO A 224 -12.17 -14.01 14.68
C PRO A 224 -11.82 -15.47 14.95
N LYS A 225 -11.96 -15.94 16.19
CA LYS A 225 -11.60 -17.32 16.52
C LYS A 225 -12.15 -18.34 15.52
N LYS A 226 -13.40 -18.21 15.14
CA LYS A 226 -13.87 -19.13 14.12
C LYS A 226 -13.99 -18.17 12.96
N ASN A 227 -13.38 -18.51 11.84
CA ASN A 227 -13.39 -17.63 10.69
C ASN A 227 -13.39 -18.48 9.46
N LYS A 228 -13.73 -17.83 8.36
CA LYS A 228 -13.80 -18.50 7.07
C LYS A 228 -12.53 -18.71 6.26
N VAL A 229 -11.39 -18.37 6.87
CA VAL A 229 -10.10 -18.57 6.20
C VAL A 229 -9.35 -19.80 6.67
N THR A 230 -9.06 -19.81 7.96
CA THR A 230 -8.37 -20.88 8.68
C THR A 230 -9.42 -21.86 9.23
N GLY A 231 -10.53 -21.30 9.70
CA GLY A 231 -11.63 -22.07 10.26
C GLY A 231 -11.63 -21.83 11.75
N VAL A 232 -10.82 -22.60 12.48
CA VAL A 232 -10.73 -22.50 13.93
C VAL A 232 -9.30 -22.16 14.37
N LYS A 233 -9.17 -21.01 15.02
CA LYS A 233 -7.88 -20.48 15.48
C LYS A 233 -7.34 -21.12 16.75
N SER A 234 -6.10 -21.61 16.68
CA SER A 234 -5.45 -22.15 17.87
C SER A 234 -5.47 -21.07 18.97
N ASP A 235 -5.31 -21.46 20.23
CA ASP A 235 -5.30 -20.46 21.31
C ASP A 235 -3.90 -20.09 21.86
N ASP A 236 -2.89 -20.80 21.38
CA ASP A 236 -1.51 -20.49 21.70
C ASP A 236 -1.15 -19.19 20.96
N GLN A 237 -0.97 -18.12 21.71
CA GLN A 237 -0.64 -16.86 21.10
C GLN A 237 0.73 -17.00 20.52
N PHE A 238 1.62 -17.51 21.34
CA PHE A 238 2.96 -17.70 20.85
C PHE A 238 2.92 -18.28 19.44
N GLU A 239 1.93 -19.13 19.22
CA GLU A 239 1.78 -19.82 17.95
C GLU A 239 0.99 -19.01 16.92
N GLU A 240 -0.31 -19.05 17.19
CA GLU A 240 -1.37 -18.44 16.42
C GLU A 240 -1.02 -17.06 15.92
N SER A 241 -0.38 -16.24 16.74
CA SER A 241 -0.05 -14.87 16.38
C SER A 241 0.97 -14.69 15.28
N PHE A 242 1.67 -15.77 14.94
CA PHE A 242 2.70 -15.76 13.89
C PHE A 242 2.54 -16.74 12.72
N LYS A 243 1.29 -17.08 12.42
CA LYS A 243 0.93 -18.01 11.38
C LYS A 243 0.61 -17.13 10.20
N PHE A 244 1.12 -17.46 9.01
CA PHE A 244 0.80 -16.65 7.84
C PHE A 244 0.06 -17.51 6.87
N VAL A 245 -1.09 -17.05 6.40
CA VAL A 245 -1.88 -17.91 5.54
C VAL A 245 -2.19 -17.48 4.14
N LEU A 246 -2.07 -16.17 3.87
CA LEU A 246 -2.31 -15.72 2.49
C LEU A 246 -1.22 -14.74 2.28
N PRO A 247 -0.91 -14.61 1.00
CA PRO A 247 0.14 -13.74 0.47
C PRO A 247 -0.51 -12.36 0.37
N GLY A 248 -0.39 -11.60 1.44
CA GLY A 248 -1.09 -10.33 1.46
C GLY A 248 -0.14 -9.16 1.36
N TYR A 249 -0.50 -8.09 2.06
CA TYR A 249 0.24 -6.84 2.06
C TYR A 249 0.13 -6.21 3.42
N ASN A 250 0.78 -5.06 3.59
CA ASN A 250 0.53 -4.26 4.79
C ASN A 250 0.00 -2.96 4.18
N VAL A 251 -1.32 -2.84 4.11
CA VAL A 251 -2.04 -1.64 3.59
C VAL A 251 -3.03 -1.07 4.60
N ARG A 252 -2.64 -1.21 5.87
CA ARG A 252 -3.38 -0.72 7.02
C ARG A 252 -3.43 0.80 6.96
N PRO A 253 -4.60 1.33 7.35
CA PRO A 253 -4.79 2.79 7.48
C PRO A 253 -4.32 3.20 8.87
N LEU A 254 -3.94 4.46 9.01
CA LEU A 254 -3.52 4.97 10.30
C LEU A 254 -4.74 5.33 11.18
N GLU A 255 -4.59 5.15 12.49
CA GLU A 255 -5.69 5.41 13.41
C GLU A 255 -6.38 6.78 13.14
N MET A 256 -5.56 7.81 12.98
CA MET A 256 -5.89 9.19 12.68
C MET A 256 -6.84 9.35 11.51
N SER A 257 -6.64 8.55 10.46
CA SER A 257 -7.55 8.62 9.31
C SER A 257 -8.91 8.01 9.70
N GLY A 258 -8.89 7.04 10.60
CA GLY A 258 -10.14 6.39 11.04
C GLY A 258 -10.96 7.40 11.84
N ALA A 259 -10.32 8.00 12.84
CA ALA A 259 -10.91 9.06 13.64
C ALA A 259 -11.43 10.22 12.79
N ILE A 260 -10.59 10.74 11.89
CA ILE A 260 -11.03 11.86 11.08
C ILE A 260 -12.25 11.39 10.21
N GLY A 261 -12.25 10.14 9.74
CA GLY A 261 -13.28 9.56 8.86
C GLY A 261 -14.61 9.54 9.60
N ILE A 262 -14.53 9.28 10.91
CA ILE A 262 -15.71 9.27 11.79
C ILE A 262 -16.41 10.67 11.73
N GLU A 263 -15.62 11.73 11.91
CA GLU A 263 -16.14 13.09 11.77
C GLU A 263 -16.76 13.40 10.36
N GLN A 264 -16.07 13.03 9.30
CA GLN A 264 -16.55 13.28 7.94
C GLN A 264 -17.80 12.55 7.64
N LEU A 265 -17.85 11.31 8.09
CA LEU A 265 -19.07 10.59 7.76
C LEU A 265 -20.23 11.33 8.36
N LYS A 266 -20.04 11.95 9.51
CA LYS A 266 -21.20 12.64 10.11
C LYS A 266 -21.71 13.72 9.21
N LYS A 267 -20.75 14.40 8.58
CA LYS A 267 -21.03 15.53 7.70
C LYS A 267 -21.49 15.13 6.30
N LEU A 268 -21.29 13.88 5.94
CA LEU A 268 -21.62 13.51 4.57
C LEU A 268 -22.92 13.92 3.92
N PRO A 269 -24.05 13.61 4.54
CA PRO A 269 -25.39 13.96 4.02
C PRO A 269 -25.55 15.44 3.62
N ARG A 270 -24.97 16.31 4.42
CA ARG A 270 -25.00 17.73 4.09
C ARG A 270 -24.14 17.96 2.83
N PHE A 271 -22.89 17.45 2.86
CA PHE A 271 -21.98 17.56 1.71
C PHE A 271 -22.70 17.18 0.43
N ILE A 272 -23.32 16.03 0.50
CA ILE A 272 -24.08 15.58 -0.65
C ILE A 272 -25.24 16.52 -0.93
N SER A 273 -25.90 17.01 0.10
CA SER A 273 -27.01 17.89 -0.21
C SER A 273 -26.55 19.16 -1.00
N VAL A 274 -25.52 19.81 -0.49
CA VAL A 274 -24.99 20.98 -1.13
C VAL A 274 -24.50 20.72 -2.55
N ARG A 275 -23.82 19.60 -2.72
CA ARG A 275 -23.33 19.18 -4.00
C ARG A 275 -24.46 19.09 -5.04
N ARG A 276 -25.58 18.47 -4.67
CA ARG A 276 -26.70 18.32 -5.60
C ARG A 276 -27.47 19.60 -6.00
N LYS A 277 -27.45 20.53 -5.06
CA LYS A 277 -28.12 21.81 -5.26
C LYS A 277 -27.23 22.53 -6.28
N ASN A 278 -25.93 22.53 -6.01
CA ASN A 278 -25.07 23.17 -6.98
C ASN A 278 -25.26 22.46 -8.33
N ALA A 279 -25.48 21.15 -8.35
CA ALA A 279 -25.58 20.45 -9.65
C ALA A 279 -26.82 20.87 -10.37
N GLU A 280 -27.88 20.95 -9.59
CA GLU A 280 -29.18 21.37 -10.12
C GLU A 280 -29.14 22.77 -10.78
N TYR A 281 -28.53 23.72 -10.09
CA TYR A 281 -28.33 25.06 -10.63
C TYR A 281 -27.42 25.09 -11.86
N PHE A 282 -26.38 24.29 -11.81
CA PHE A 282 -25.45 24.13 -12.91
C PHE A 282 -26.21 23.63 -14.13
N LEU A 283 -26.95 22.55 -13.99
CA LEU A 283 -27.65 22.01 -15.13
C LEU A 283 -28.62 23.02 -15.66
N ASP A 284 -29.17 23.83 -14.78
CA ASP A 284 -30.12 24.81 -15.24
C ASP A 284 -29.43 25.82 -16.13
N LYS A 285 -28.28 26.30 -15.68
CA LYS A 285 -27.52 27.27 -16.45
C LYS A 285 -26.94 26.70 -17.75
N PHE A 286 -26.68 25.41 -17.79
CA PHE A 286 -26.02 24.89 -18.99
C PHE A 286 -26.80 24.10 -20.03
N LYS A 287 -28.08 23.84 -19.81
CA LYS A 287 -28.86 23.05 -20.77
C LYS A 287 -29.12 23.84 -22.07
N ASP A 288 -29.09 23.14 -23.20
CA ASP A 288 -29.32 23.84 -24.44
C ASP A 288 -28.16 24.82 -24.63
N HIS A 289 -27.03 24.51 -24.02
CA HIS A 289 -25.85 25.32 -24.20
C HIS A 289 -25.48 25.12 -25.64
N PRO A 290 -25.03 26.18 -26.26
CA PRO A 290 -24.77 26.09 -27.66
C PRO A 290 -23.71 25.09 -28.05
N TYR A 291 -22.61 24.98 -27.33
CA TYR A 291 -21.59 24.03 -27.77
C TYR A 291 -21.02 23.12 -26.72
N LEU A 292 -21.76 22.91 -25.64
CA LEU A 292 -21.29 21.99 -24.61
C LEU A 292 -22.43 21.14 -24.20
N ASP A 293 -22.11 19.87 -24.02
CA ASP A 293 -23.02 18.84 -23.52
C ASP A 293 -22.51 18.50 -22.13
N VAL A 294 -23.46 18.25 -21.26
CA VAL A 294 -23.22 17.97 -19.86
C VAL A 294 -23.49 16.50 -19.58
N GLN A 295 -23.23 16.04 -18.36
CA GLN A 295 -23.40 14.61 -18.13
C GLN A 295 -24.83 14.35 -17.90
N GLN A 296 -25.30 13.25 -18.43
CA GLN A 296 -26.68 12.87 -18.20
C GLN A 296 -26.74 12.00 -16.93
N GLU A 297 -27.47 12.46 -15.91
CA GLU A 297 -27.59 11.72 -14.64
C GLU A 297 -28.41 10.47 -14.66
N THR A 298 -27.98 9.48 -13.89
CA THR A 298 -28.66 8.21 -13.79
C THR A 298 -28.85 8.07 -12.29
N GLY A 299 -30.00 7.59 -11.86
CA GLY A 299 -30.20 7.53 -10.40
C GLY A 299 -29.93 8.90 -9.81
N GLU A 300 -29.30 8.95 -8.66
CA GLU A 300 -29.11 10.24 -8.05
C GLU A 300 -27.62 10.33 -7.85
N SER A 301 -27.07 11.12 -8.76
CA SER A 301 -25.64 11.28 -8.82
C SER A 301 -25.06 12.02 -7.63
N SER A 302 -23.86 11.71 -7.16
CA SER A 302 -23.31 12.51 -6.07
C SER A 302 -22.43 13.64 -6.61
N TRP A 303 -22.56 13.92 -7.90
CA TRP A 303 -21.90 15.06 -8.52
C TRP A 303 -20.51 15.43 -8.03
N PHE A 304 -19.58 14.52 -8.28
CA PHE A 304 -18.20 14.79 -7.92
C PHE A 304 -17.67 16.08 -8.58
N GLY A 305 -18.01 16.27 -9.85
CA GLY A 305 -17.56 17.44 -10.58
C GLY A 305 -18.42 17.65 -11.80
N PHE A 306 -18.07 18.63 -12.62
CA PHE A 306 -18.89 18.92 -13.79
C PHE A 306 -18.07 18.75 -15.04
N SER A 307 -18.48 17.79 -15.88
CA SER A 307 -17.82 17.55 -17.17
C SER A 307 -18.48 18.32 -18.30
N PHE A 308 -17.73 18.55 -19.38
CA PHE A 308 -18.28 19.19 -20.55
C PHE A 308 -17.65 18.46 -21.69
N ILE A 309 -18.45 18.32 -22.72
CA ILE A 309 -17.98 17.71 -23.94
C ILE A 309 -18.30 18.66 -25.09
N ILE A 310 -17.32 18.95 -25.90
CA ILE A 310 -17.56 19.89 -26.99
C ILE A 310 -18.47 19.26 -28.01
N LYS A 311 -19.53 20.00 -28.30
CA LYS A 311 -20.53 19.56 -29.24
C LYS A 311 -19.87 19.26 -30.60
N LYS A 312 -20.25 18.15 -31.21
CA LYS A 312 -19.71 17.75 -32.51
C LYS A 312 -19.93 18.86 -33.55
N ASP A 313 -18.90 19.16 -34.34
CA ASP A 313 -19.10 20.13 -35.41
C ASP A 313 -19.63 21.47 -34.94
N SER A 314 -19.06 21.95 -33.86
CA SER A 314 -19.48 23.25 -33.38
C SER A 314 -18.24 24.10 -33.68
N GLY A 315 -17.16 23.40 -34.08
CA GLY A 315 -15.89 24.06 -34.37
C GLY A 315 -15.21 24.78 -33.17
N VAL A 316 -15.47 24.30 -31.96
CA VAL A 316 -14.85 24.85 -30.75
C VAL A 316 -13.60 23.98 -30.48
N ILE A 317 -12.51 24.60 -30.03
CA ILE A 317 -11.23 23.91 -29.80
C ILE A 317 -10.90 23.86 -28.31
N ARG A 318 -10.73 22.66 -27.79
CA ARG A 318 -10.49 22.61 -26.36
C ARG A 318 -9.41 23.48 -25.79
N LYS A 319 -8.31 23.60 -26.51
CA LYS A 319 -7.18 24.36 -25.99
C LYS A 319 -7.66 25.72 -25.59
N GLN A 320 -8.52 26.29 -26.43
CA GLN A 320 -9.07 27.62 -26.19
C GLN A 320 -9.89 27.79 -24.92
N LEU A 321 -10.82 26.88 -24.70
CA LEU A 321 -11.69 27.02 -23.53
C LEU A 321 -10.77 26.89 -22.34
N VAL A 322 -9.82 25.99 -22.52
CA VAL A 322 -8.88 25.71 -21.45
C VAL A 322 -8.17 26.98 -21.03
N GLU A 323 -7.73 27.74 -22.04
CA GLU A 323 -7.06 29.01 -21.79
C GLU A 323 -8.05 29.96 -21.14
N ASN A 324 -9.20 30.04 -21.78
CA ASN A 324 -10.26 30.89 -21.30
C ASN A 324 -10.41 30.64 -19.85
N LEU A 325 -10.50 29.37 -19.48
CA LEU A 325 -10.91 29.04 -18.14
C LEU A 325 -9.89 29.48 -17.12
N ASN A 326 -8.65 29.11 -17.39
CA ASN A 326 -7.54 29.50 -16.55
C ASN A 326 -7.37 31.00 -16.47
N SER A 327 -7.55 31.68 -17.59
CA SER A 327 -7.42 33.14 -17.59
C SER A 327 -8.50 33.80 -16.73
N ALA A 328 -9.52 33.03 -16.36
CA ALA A 328 -10.57 33.57 -15.50
C ALA A 328 -10.41 33.04 -14.08
N GLY A 329 -9.32 32.33 -13.81
CA GLY A 329 -9.06 31.81 -12.46
C GLY A 329 -9.94 30.60 -12.16
N ILE A 330 -10.30 29.86 -13.18
CA ILE A 330 -11.09 28.67 -12.98
C ILE A 330 -10.22 27.47 -13.37
N GLU A 331 -9.94 26.59 -12.41
CA GLU A 331 -9.10 25.42 -12.71
C GLU A 331 -9.93 24.33 -13.38
N CYS A 332 -9.32 23.59 -14.31
CA CYS A 332 -9.99 22.49 -15.01
C CYS A 332 -8.97 21.42 -15.33
N ARG A 333 -9.44 20.29 -15.79
CA ARG A 333 -8.53 19.21 -16.14
C ARG A 333 -9.30 18.33 -17.12
N PRO A 334 -8.65 17.30 -17.63
CA PRO A 334 -9.35 16.40 -18.53
C PRO A 334 -10.43 15.67 -17.73
N ILE A 335 -11.29 14.91 -18.37
CA ILE A 335 -12.29 14.22 -17.60
C ILE A 335 -11.59 12.99 -17.12
N VAL A 336 -11.47 12.87 -15.79
CA VAL A 336 -10.81 11.74 -15.14
C VAL A 336 -9.44 11.73 -15.77
N THR A 337 -9.08 10.71 -16.56
CA THR A 337 -7.81 10.79 -17.26
C THR A 337 -7.96 10.71 -18.77
N GLY A 338 -9.16 10.95 -19.29
CA GLY A 338 -9.39 10.87 -20.74
C GLY A 338 -9.46 9.41 -21.11
N ASN A 339 -9.10 9.12 -22.35
CA ASN A 339 -9.13 7.75 -22.85
C ASN A 339 -7.90 7.01 -22.35
N PHE A 340 -8.08 5.99 -21.54
CA PHE A 340 -6.92 5.28 -21.01
C PHE A 340 -6.13 4.55 -22.09
N LEU A 341 -6.82 4.22 -23.15
CA LEU A 341 -6.19 3.40 -24.18
C LEU A 341 -5.07 4.09 -24.87
N LYS A 342 -4.96 5.38 -24.61
CA LYS A 342 -3.87 6.09 -25.27
C LYS A 342 -2.56 5.89 -24.56
N ASN A 343 -2.58 5.34 -23.36
CA ASN A 343 -1.32 5.23 -22.62
C ASN A 343 -0.63 3.98 -23.07
N THR A 344 -0.27 3.93 -24.35
CA THR A 344 0.33 2.71 -24.93
C THR A 344 1.59 2.17 -24.26
N ASP A 345 2.30 3.05 -23.57
CA ASP A 345 3.51 2.65 -22.90
C ASP A 345 3.23 1.74 -21.72
N VAL A 346 2.21 2.03 -20.91
CA VAL A 346 2.00 1.13 -19.79
C VAL A 346 1.23 -0.09 -20.33
N LEU A 347 0.44 0.18 -21.36
CA LEU A 347 -0.41 -0.83 -21.94
C LEU A 347 0.42 -2.01 -22.43
N LYS A 348 1.69 -1.78 -22.76
CA LYS A 348 2.48 -2.94 -23.23
C LYS A 348 2.66 -4.04 -22.20
N TYR A 349 2.27 -3.81 -20.94
CA TYR A 349 2.43 -4.82 -19.89
C TYR A 349 1.13 -5.60 -19.73
N PHE A 350 0.08 -5.11 -20.36
CA PHE A 350 -1.19 -5.82 -20.23
C PHE A 350 -1.47 -6.87 -21.29
N ASP A 351 -2.31 -7.79 -20.89
CA ASP A 351 -2.85 -8.85 -21.74
C ASP A 351 -4.25 -8.29 -22.00
N TYR A 352 -4.43 -7.52 -23.07
CA TYR A 352 -5.73 -6.89 -23.20
C TYR A 352 -6.26 -6.88 -24.61
N THR A 353 -7.55 -6.62 -24.65
CA THR A 353 -8.27 -6.54 -25.91
C THR A 353 -9.35 -5.46 -25.83
N VAL A 354 -9.59 -4.86 -26.99
CA VAL A 354 -10.58 -3.79 -27.11
C VAL A 354 -11.82 -4.27 -27.82
N HIS A 355 -12.96 -4.24 -27.14
CA HIS A 355 -14.16 -4.70 -27.83
C HIS A 355 -14.67 -3.61 -28.73
N ASN A 356 -14.90 -3.98 -29.99
CA ASN A 356 -15.42 -3.13 -31.06
C ASN A 356 -14.59 -1.88 -31.35
N ASN A 357 -14.83 -0.79 -30.64
CA ASN A 357 -14.01 0.41 -30.81
C ASN A 357 -14.23 1.25 -29.53
N VAL A 358 -13.44 2.30 -29.34
CA VAL A 358 -13.54 3.21 -28.19
C VAL A 358 -13.66 4.64 -28.73
N ASP A 359 -14.51 4.76 -29.73
CA ASP A 359 -14.61 6.04 -30.40
C ASP A 359 -15.05 7.09 -29.45
N ASN A 360 -15.94 6.71 -28.55
CA ASN A 360 -16.49 7.67 -27.61
C ASN A 360 -15.46 8.21 -26.67
N ALA A 361 -14.70 7.30 -26.09
CA ALA A 361 -13.62 7.65 -25.17
C ALA A 361 -12.65 8.59 -25.88
N GLU A 362 -12.46 8.27 -27.14
CA GLU A 362 -11.55 9.02 -28.02
C GLU A 362 -12.09 10.42 -28.20
N TYR A 363 -13.37 10.51 -28.50
CA TYR A 363 -13.90 11.86 -28.67
C TYR A 363 -13.75 12.64 -27.35
N LEU A 364 -14.12 11.96 -26.28
CA LEU A 364 -14.00 12.60 -24.98
C LEU A 364 -12.56 13.06 -24.76
N ASP A 365 -11.62 12.15 -25.03
CA ASP A 365 -10.23 12.45 -24.82
C ASP A 365 -9.82 13.77 -25.43
N LYS A 366 -10.36 14.08 -26.60
CA LYS A 366 -10.00 15.33 -27.26
C LYS A 366 -10.94 16.48 -27.00
N ASN A 367 -12.15 16.15 -26.62
CA ASN A 367 -13.13 17.22 -26.39
C ASN A 367 -13.82 17.44 -25.07
N GLY A 368 -13.33 16.82 -24.02
CA GLY A 368 -13.96 17.05 -22.75
C GLY A 368 -12.95 17.73 -21.86
N LEU A 369 -13.50 18.33 -20.82
CA LEU A 369 -12.70 18.95 -19.78
C LEU A 369 -13.64 18.86 -18.59
N PHE A 370 -13.10 19.20 -17.45
CA PHE A 370 -13.81 19.09 -16.20
C PHE A 370 -13.45 20.17 -15.16
N VAL A 371 -14.49 20.61 -14.44
CA VAL A 371 -14.37 21.59 -13.38
C VAL A 371 -15.04 21.01 -12.16
N GLY A 372 -14.52 21.38 -10.99
CA GLY A 372 -14.98 20.81 -9.72
C GLY A 372 -16.38 21.19 -9.27
N ASN A 373 -16.90 20.42 -8.35
CA ASN A 373 -18.13 20.70 -7.67
C ASN A 373 -17.66 20.56 -6.19
N HIS A 374 -18.25 21.28 -5.23
CA HIS A 374 -17.77 21.24 -3.84
C HIS A 374 -18.94 21.24 -2.90
N GLN A 375 -18.62 21.03 -1.64
CA GLN A 375 -19.67 20.98 -0.62
C GLN A 375 -20.04 22.36 -0.08
N ILE A 376 -19.70 23.40 -0.82
CA ILE A 376 -20.07 24.75 -0.43
C ILE A 376 -20.88 25.31 -1.63
N GLU A 377 -21.81 26.23 -1.38
CA GLU A 377 -22.64 26.82 -2.44
C GLU A 377 -21.76 27.51 -3.45
N LEU A 378 -21.96 27.19 -4.72
CA LEU A 378 -21.11 27.75 -5.76
C LEU A 378 -21.96 28.51 -6.77
N PHE A 379 -23.10 29.06 -6.34
CA PHE A 379 -23.96 29.71 -7.33
C PHE A 379 -23.24 30.80 -8.12
N ASP A 380 -22.45 31.57 -7.40
CA ASP A 380 -21.66 32.67 -7.97
C ASP A 380 -20.73 32.12 -9.06
N GLU A 381 -20.03 31.04 -8.72
CA GLU A 381 -19.00 30.49 -9.58
C GLU A 381 -19.59 29.94 -10.83
N ILE A 382 -20.76 29.35 -10.66
CA ILE A 382 -21.39 28.77 -11.81
C ILE A 382 -21.84 29.80 -12.80
N ASP A 383 -22.42 30.89 -12.28
CA ASP A 383 -22.91 32.02 -13.09
C ASP A 383 -21.78 32.65 -13.90
N TYR A 384 -20.60 32.67 -13.29
CA TYR A 384 -19.38 33.17 -13.91
C TYR A 384 -18.83 32.15 -14.92
N LEU A 385 -18.83 30.89 -14.54
CA LEU A 385 -18.35 29.85 -15.43
C LEU A 385 -19.16 29.98 -16.72
N ARG A 386 -20.45 30.23 -16.54
CA ARG A 386 -21.38 30.28 -17.64
C ARG A 386 -21.18 31.52 -18.48
N GLU A 387 -20.61 32.54 -17.86
CA GLU A 387 -20.34 33.83 -18.49
C GLU A 387 -19.11 33.55 -19.32
N VAL A 388 -18.13 32.86 -18.75
CA VAL A 388 -16.93 32.55 -19.50
C VAL A 388 -17.17 31.58 -20.67
N LEU A 389 -18.01 30.59 -20.44
CA LEU A 389 -18.24 29.58 -21.46
C LEU A 389 -19.44 29.92 -22.33
N LYS A 390 -19.51 31.15 -22.80
CA LYS A 390 -20.63 31.46 -23.66
C LYS A 390 -20.23 31.63 -25.10
N ASN B 5 5.10 -4.41 33.40
CA ASN B 5 5.39 -4.94 32.06
C ASN B 5 6.79 -4.61 31.53
N TYR B 6 7.31 -5.50 30.70
CA TYR B 6 8.57 -5.25 30.05
C TYR B 6 8.21 -5.46 28.60
N PRO B 7 7.53 -4.44 28.10
CA PRO B 7 6.92 -4.42 26.79
C PRO B 7 7.92 -4.75 25.69
N LEU B 8 7.35 -5.18 24.57
CA LEU B 8 8.18 -5.45 23.42
C LEU B 8 8.50 -4.13 22.71
N ALA B 9 7.58 -3.16 22.68
CA ALA B 9 7.85 -1.84 22.05
C ALA B 9 7.61 -0.56 22.87
N SER B 10 8.41 0.47 22.59
CA SER B 10 8.31 1.73 23.33
C SER B 10 8.19 3.00 22.47
N SER B 11 7.64 4.05 23.07
CA SER B 11 7.55 5.30 22.34
C SER B 11 8.92 5.94 22.32
N THR B 12 9.35 6.31 21.12
CA THR B 12 10.61 7.01 20.90
C THR B 12 10.34 8.54 20.79
N TRP B 13 9.07 8.92 20.92
CA TRP B 13 8.64 10.31 20.81
C TRP B 13 8.77 11.18 22.06
N ASP B 14 8.94 12.47 21.81
CA ASP B 14 8.98 13.48 22.85
C ASP B 14 8.23 14.65 22.23
N ASP B 15 8.30 15.83 22.85
CA ASP B 15 7.46 16.93 22.39
C ASP B 15 7.74 17.45 20.99
N LEU B 16 8.84 16.96 20.40
CA LEU B 16 9.30 17.36 19.08
C LEU B 16 8.50 16.84 17.90
N GLU B 17 8.21 15.54 17.95
CA GLU B 17 7.43 14.86 16.92
C GLU B 17 6.03 15.39 17.09
N TYR B 18 5.72 15.77 18.31
CA TYR B 18 4.42 16.35 18.59
C TYR B 18 4.35 17.74 17.92
N LYS B 19 5.45 18.48 18.01
CA LYS B 19 5.59 19.79 17.39
C LYS B 19 5.57 19.65 15.85
N ALA B 20 6.24 18.63 15.34
CA ALA B 20 6.27 18.46 13.89
C ALA B 20 4.86 18.20 13.34
N ILE B 21 4.13 17.29 14.00
CA ILE B 21 2.75 17.00 13.61
C ILE B 21 2.06 18.36 13.58
N GLN B 22 2.34 19.17 14.60
CA GLN B 22 1.71 20.47 14.67
C GLN B 22 1.99 21.31 13.45
N SER B 23 3.26 21.35 13.07
CA SER B 23 3.66 22.17 11.95
C SER B 23 2.95 21.79 10.66
N VAL B 24 2.67 20.50 10.46
CA VAL B 24 2.01 20.06 9.22
C VAL B 24 0.55 20.43 9.26
N LEU B 25 -0.02 20.40 10.45
CA LEU B 25 -1.42 20.74 10.62
C LEU B 25 -1.52 22.22 10.28
N ASP B 26 -0.50 22.95 10.70
CA ASP B 26 -0.35 24.40 10.47
C ASP B 26 -0.22 24.70 8.94
N SER B 27 0.45 23.82 8.20
CA SER B 27 0.64 24.03 6.78
C SER B 27 -0.69 23.73 6.07
N LYS B 28 -1.58 22.97 6.70
CA LYS B 28 -2.84 22.58 6.09
C LYS B 28 -2.72 21.74 4.80
N MET B 29 -1.49 21.26 4.55
CA MET B 29 -1.14 20.37 3.41
C MET B 29 -0.82 18.95 3.91
N PHE B 30 -1.78 18.04 3.79
CA PHE B 30 -1.63 16.70 4.32
C PHE B 30 -1.04 15.54 3.44
N THR B 31 -1.14 15.68 2.12
CA THR B 31 -0.64 14.70 1.14
C THR B 31 0.84 14.85 0.90
N MET B 32 1.47 13.74 0.55
CA MET B 32 2.91 13.66 0.34
C MET B 32 3.54 14.98 -0.20
N GLY B 33 4.46 15.61 0.53
CA GLY B 33 5.01 16.87 0.04
C GLY B 33 6.44 17.25 0.36
N GLU B 34 6.62 18.43 0.92
CA GLU B 34 7.97 18.90 1.21
C GLU B 34 8.63 18.22 2.37
N TYR B 35 7.86 17.93 3.42
CA TYR B 35 8.48 17.27 4.55
C TYR B 35 8.98 15.91 4.09
N VAL B 36 8.11 15.22 3.37
CA VAL B 36 8.49 13.91 2.84
C VAL B 36 9.75 14.11 1.97
N LYS B 37 9.67 15.07 1.08
CA LYS B 37 10.83 15.32 0.25
C LYS B 37 12.02 15.68 1.11
N GLN B 38 11.76 16.37 2.20
CA GLN B 38 12.92 16.79 2.97
C GLN B 38 13.47 15.53 3.59
N TYR B 39 12.58 14.72 4.13
CA TYR B 39 12.97 13.53 4.85
C TYR B 39 13.82 12.62 3.97
N GLU B 40 13.38 12.45 2.72
CA GLU B 40 14.09 11.60 1.72
C GLU B 40 15.50 12.10 1.57
N THR B 41 15.64 13.40 1.49
CA THR B 41 16.98 13.96 1.40
C THR B 41 17.83 13.68 2.66
N GLN B 42 17.26 13.92 3.84
CA GLN B 42 17.99 13.66 5.07
C GLN B 42 18.34 12.19 5.21
N PHE B 43 17.36 11.37 4.89
CA PHE B 43 17.58 9.95 4.94
C PHE B 43 18.73 9.39 4.15
N ALA B 44 18.81 9.71 2.86
CA ALA B 44 19.94 9.24 2.04
C ALA B 44 21.22 9.77 2.62
N LYS B 45 21.18 11.04 3.00
CA LYS B 45 22.39 11.62 3.54
C LYS B 45 22.69 10.85 4.80
N THR B 46 21.75 10.63 5.70
CA THR B 46 22.10 9.85 6.88
C THR B 46 22.70 8.47 6.62
N PHE B 47 22.15 7.70 5.67
CA PHE B 47 22.69 6.37 5.43
C PHE B 47 23.78 6.27 4.37
N GLY B 48 24.02 7.37 3.68
CA GLY B 48 25.09 7.42 2.70
C GLY B 48 24.65 6.74 1.44
N SER B 49 23.49 7.13 0.94
CA SER B 49 23.04 6.56 -0.32
C SER B 49 22.74 7.79 -1.19
N LYS B 50 22.74 7.62 -2.50
CA LYS B 50 22.50 8.76 -3.37
C LYS B 50 21.06 9.11 -3.26
N TYR B 51 20.17 8.12 -3.20
CA TYR B 51 18.72 8.40 -3.26
C TYR B 51 17.92 7.65 -2.21
N ALA B 52 16.74 8.17 -1.86
CA ALA B 52 15.86 7.49 -0.91
C ALA B 52 14.46 7.76 -1.37
N VAL B 53 13.54 6.82 -1.21
CA VAL B 53 12.18 7.11 -1.61
C VAL B 53 11.37 6.62 -0.43
N MET B 54 10.56 7.51 0.14
CA MET B 54 9.74 7.15 1.28
C MET B 54 8.43 6.57 0.80
N VAL B 55 8.02 5.45 1.39
CA VAL B 55 6.75 4.79 1.06
C VAL B 55 5.91 4.53 2.30
N SER B 56 4.67 4.06 2.09
CA SER B 56 3.74 3.91 3.23
C SER B 56 4.16 2.92 4.33
N SER B 57 5.08 2.02 4.03
CA SER B 57 5.53 1.03 5.04
C SER B 57 6.67 0.21 4.54
N GLY B 58 7.33 -0.48 5.46
CA GLY B 58 8.50 -1.25 5.05
C GLY B 58 8.05 -2.36 4.13
N SER B 59 6.83 -2.87 4.34
CA SER B 59 6.29 -3.93 3.49
C SER B 59 6.06 -3.39 2.08
N THR B 60 5.58 -2.16 1.93
CA THR B 60 5.38 -1.72 0.53
C THR B 60 6.71 -1.26 -0.06
N ALA B 61 7.65 -1.00 0.82
CA ALA B 61 9.00 -0.67 0.37
C ALA B 61 9.60 -1.97 -0.31
N ASN B 62 9.48 -3.14 0.32
CA ASN B 62 9.96 -4.41 -0.22
C ASN B 62 9.19 -4.67 -1.51
N LEU B 63 7.89 -4.35 -1.57
CA LEU B 63 7.13 -4.61 -2.79
C LEU B 63 7.67 -3.78 -3.96
N LEU B 64 7.86 -2.49 -3.73
CA LEU B 64 8.36 -1.64 -4.80
C LEU B 64 9.79 -2.05 -5.20
N MET B 65 10.55 -2.53 -4.24
CA MET B 65 11.93 -2.95 -4.53
C MET B 65 11.97 -4.05 -5.62
N ILE B 66 11.09 -5.03 -5.47
CA ILE B 66 10.98 -6.14 -6.41
C ILE B 66 10.38 -5.65 -7.71
N ALA B 67 9.29 -4.92 -7.57
CA ALA B 67 8.62 -4.39 -8.74
C ALA B 67 9.53 -3.61 -9.65
N ALA B 68 10.38 -2.76 -9.08
CA ALA B 68 11.29 -1.94 -9.93
C ALA B 68 12.17 -2.70 -10.89
N LEU B 69 12.67 -3.83 -10.42
CA LEU B 69 13.57 -4.70 -11.19
C LEU B 69 12.98 -5.20 -12.48
N PHE B 70 11.67 -5.11 -12.57
CA PHE B 70 10.96 -5.58 -13.77
C PHE B 70 10.82 -4.51 -14.84
N PHE B 71 10.92 -3.23 -14.45
CA PHE B 71 10.65 -2.09 -15.33
C PHE B 71 11.86 -1.35 -15.82
N THR B 72 13.04 -1.92 -15.58
CA THR B 72 14.26 -1.28 -16.07
C THR B 72 14.23 -1.46 -17.56
N LYS B 73 14.90 -0.53 -18.26
CA LYS B 73 14.94 -0.50 -19.73
C LYS B 73 15.21 -1.86 -20.31
N LYS B 74 16.14 -2.56 -19.67
CA LYS B 74 16.41 -3.96 -19.97
C LYS B 74 16.08 -4.54 -18.60
N PRO B 75 14.99 -5.29 -18.52
CA PRO B 75 14.47 -5.82 -17.26
C PRO B 75 15.52 -6.53 -16.50
N ARG B 76 15.65 -6.22 -15.24
CA ARG B 76 16.58 -6.93 -14.46
C ARG B 76 16.09 -8.23 -14.00
N LEU B 77 14.79 -8.33 -13.92
CA LEU B 77 14.24 -9.63 -13.53
C LEU B 77 13.10 -9.98 -14.42
N LYS B 78 12.76 -11.27 -14.43
CA LYS B 78 11.60 -11.73 -15.22
C LYS B 78 10.92 -12.90 -14.55
N LYS B 79 9.67 -13.13 -14.95
CA LYS B 79 8.87 -14.19 -14.35
C LYS B 79 9.64 -15.49 -14.35
N GLY B 80 9.68 -16.18 -13.23
CA GLY B 80 10.44 -17.44 -13.25
C GLY B 80 11.89 -17.35 -12.81
N ASP B 81 12.49 -16.16 -12.75
CA ASP B 81 13.89 -16.11 -12.29
C ASP B 81 14.04 -16.60 -10.84
N GLU B 82 15.22 -17.12 -10.57
CA GLU B 82 15.46 -17.59 -9.23
C GLU B 82 16.09 -16.51 -8.35
N ILE B 83 15.53 -16.47 -7.15
CA ILE B 83 16.02 -15.57 -6.13
C ILE B 83 16.15 -16.36 -4.83
N ILE B 84 17.28 -16.13 -4.19
CA ILE B 84 17.57 -16.85 -2.98
C ILE B 84 17.27 -15.93 -1.82
N VAL B 85 16.58 -16.51 -0.84
CA VAL B 85 16.21 -15.79 0.39
C VAL B 85 16.52 -16.70 1.59
N PRO B 86 16.67 -16.14 2.79
CA PRO B 86 16.88 -16.95 4.01
C PRO B 86 15.55 -17.50 4.49
N ALA B 87 15.60 -18.53 5.33
CA ALA B 87 14.37 -19.13 5.83
C ALA B 87 13.67 -18.45 7.02
N VAL B 88 14.36 -17.52 7.67
CA VAL B 88 13.78 -16.78 8.80
C VAL B 88 13.63 -15.28 8.44
N SER B 89 12.41 -14.76 8.47
CA SER B 89 12.16 -13.32 8.23
C SER B 89 10.67 -12.99 8.32
N TRP B 90 10.38 -11.70 8.15
CA TRP B 90 8.99 -11.23 8.21
C TRP B 90 8.31 -11.72 6.95
N SER B 91 7.02 -11.99 7.05
CA SER B 91 6.35 -12.54 5.91
C SER B 91 6.39 -11.62 4.67
N THR B 92 6.38 -10.31 4.90
CA THR B 92 6.38 -9.40 3.76
C THR B 92 7.68 -9.32 3.04
N THR B 93 8.65 -10.08 3.51
CA THR B 93 9.90 -10.16 2.75
C THR B 93 9.67 -11.12 1.59
N TYR B 94 8.76 -12.06 1.76
CA TYR B 94 8.54 -13.10 0.79
C TYR B 94 7.41 -12.90 -0.22
N TYR B 95 6.35 -12.27 0.23
CA TYR B 95 5.16 -12.10 -0.62
C TYR B 95 5.43 -11.50 -2.02
N PRO B 96 6.19 -10.40 -2.07
CA PRO B 96 6.51 -9.70 -3.33
C PRO B 96 7.04 -10.68 -4.38
N LEU B 97 7.88 -11.61 -3.89
CA LEU B 97 8.52 -12.64 -4.70
C LEU B 97 7.41 -13.49 -5.28
N GLN B 98 6.45 -13.89 -4.46
CA GLN B 98 5.39 -14.70 -5.03
C GLN B 98 4.55 -13.83 -5.93
N GLN B 99 4.30 -12.61 -5.52
CA GLN B 99 3.41 -11.78 -6.33
C GLN B 99 4.00 -11.48 -7.69
N TYR B 100 5.31 -11.45 -7.82
CA TYR B 100 5.92 -11.10 -9.13
C TYR B 100 6.27 -12.39 -9.92
N GLY B 101 5.86 -13.55 -9.43
CA GLY B 101 6.14 -14.81 -10.15
C GLY B 101 7.60 -15.28 -10.19
N LEU B 102 8.36 -14.96 -9.14
CA LEU B 102 9.75 -15.38 -9.06
C LEU B 102 9.83 -16.77 -8.46
N ARG B 103 10.91 -17.46 -8.79
CA ARG B 103 11.26 -18.79 -8.26
C ARG B 103 12.13 -18.53 -7.02
N VAL B 104 11.60 -18.96 -5.88
CA VAL B 104 12.23 -18.67 -4.60
C VAL B 104 13.04 -19.84 -4.08
N LYS B 105 14.30 -19.60 -3.78
CA LYS B 105 15.07 -20.69 -3.24
C LYS B 105 15.43 -20.41 -1.80
N PHE B 106 14.85 -21.17 -0.89
CA PHE B 106 15.15 -20.96 0.50
C PHE B 106 16.50 -21.45 0.92
N VAL B 107 17.16 -20.75 1.80
CA VAL B 107 18.41 -21.22 2.33
C VAL B 107 18.36 -21.17 3.88
N ASP B 108 18.94 -22.14 4.58
CA ASP B 108 18.99 -22.18 6.05
C ASP B 108 19.76 -20.99 6.61
N ILE B 109 19.60 -20.73 7.90
CA ILE B 109 20.32 -19.61 8.50
C ILE B 109 21.46 -20.11 9.34
N ASP B 110 22.34 -19.21 9.75
CA ASP B 110 23.43 -19.59 10.59
C ASP B 110 22.85 -19.50 12.02
N ILE B 111 22.92 -20.58 12.78
CA ILE B 111 22.30 -20.59 14.10
C ILE B 111 22.92 -19.62 15.08
N ASN B 112 24.06 -19.04 14.73
CA ASN B 112 24.65 -18.10 15.68
C ASN B 112 24.27 -16.66 15.48
N THR B 113 24.43 -16.21 14.24
CA THR B 113 24.17 -14.85 13.80
C THR B 113 22.70 -14.64 13.47
N LEU B 114 22.06 -15.73 13.09
CA LEU B 114 20.65 -15.83 12.70
C LEU B 114 20.45 -15.32 11.29
N ASN B 115 21.56 -15.07 10.61
CA ASN B 115 21.44 -14.64 9.23
C ASN B 115 21.71 -15.87 8.33
N ILE B 116 21.47 -15.72 7.03
CA ILE B 116 21.63 -16.81 6.05
C ILE B 116 22.90 -17.65 6.26
N ASP B 117 22.81 -18.97 6.19
CA ASP B 117 24.07 -19.62 6.46
C ASP B 117 25.00 -19.39 5.28
N ILE B 118 26.15 -18.75 5.51
CA ILE B 118 27.13 -18.48 4.43
C ILE B 118 27.63 -19.71 3.63
N GLU B 119 27.90 -20.85 4.28
CA GLU B 119 28.36 -22.04 3.56
C GLU B 119 27.30 -22.55 2.61
N SER B 120 26.07 -22.63 3.13
CA SER B 120 24.92 -23.11 2.37
C SER B 120 24.72 -22.24 1.14
N LEU B 121 24.94 -20.95 1.34
CA LEU B 121 24.75 -20.00 0.28
C LEU B 121 25.71 -20.27 -0.84
N LYS B 122 27.00 -20.31 -0.52
CA LYS B 122 28.00 -20.54 -1.56
C LYS B 122 27.54 -21.70 -2.41
N GLU B 123 27.07 -22.77 -1.75
CA GLU B 123 26.58 -23.97 -2.42
C GLU B 123 25.27 -23.76 -3.16
N ALA B 124 24.38 -22.96 -2.57
CA ALA B 124 23.07 -22.75 -3.17
C ALA B 124 23.19 -21.83 -4.36
N VAL B 125 24.25 -21.04 -4.44
CA VAL B 125 24.34 -20.22 -5.64
C VAL B 125 24.71 -21.02 -6.88
N THR B 126 23.85 -20.90 -7.89
CA THR B 126 24.03 -21.61 -9.15
C THR B 126 23.98 -20.71 -10.38
N ASP B 127 24.04 -21.30 -11.57
CA ASP B 127 24.09 -20.55 -12.83
C ASP B 127 22.79 -19.79 -13.10
N SER B 128 21.74 -20.35 -12.51
CA SER B 128 20.36 -19.85 -12.57
C SER B 128 20.02 -18.75 -11.56
N THR B 129 20.78 -18.63 -10.48
CA THR B 129 20.57 -17.57 -9.51
C THR B 129 20.69 -16.18 -10.16
N LYS B 130 19.63 -15.40 -10.07
CA LYS B 130 19.69 -14.07 -10.59
C LYS B 130 19.82 -13.04 -9.49
N ALA B 131 19.43 -13.41 -8.27
CA ALA B 131 19.52 -12.44 -7.21
C ALA B 131 19.51 -13.10 -5.84
N ILE B 132 19.91 -12.32 -4.84
CA ILE B 132 19.93 -12.86 -3.48
C ILE B 132 19.44 -11.74 -2.60
N LEU B 133 18.38 -12.04 -1.88
CA LEU B 133 17.81 -11.01 -1.07
C LEU B 133 18.23 -11.35 0.33
N THR B 134 19.08 -10.53 0.94
CA THR B 134 19.44 -10.79 2.34
C THR B 134 18.54 -9.99 3.24
N VAL B 135 18.45 -10.47 4.49
CA VAL B 135 17.66 -9.82 5.52
C VAL B 135 18.70 -9.70 6.64
N ASN B 136 18.89 -8.50 7.19
CA ASN B 136 19.80 -8.28 8.33
C ASN B 136 18.94 -8.47 9.58
N LEU B 137 19.03 -9.63 10.20
CA LEU B 137 18.16 -9.95 11.31
C LEU B 137 18.49 -9.35 12.66
N LEU B 138 17.48 -8.75 13.27
CA LEU B 138 17.56 -8.21 14.63
C LEU B 138 18.66 -7.18 14.90
N GLY B 139 19.01 -6.45 13.85
CA GLY B 139 19.98 -5.37 14.03
C GLY B 139 21.32 -5.84 13.56
N ASN B 140 21.43 -7.16 13.34
CA ASN B 140 22.73 -7.72 12.97
C ASN B 140 22.92 -7.85 11.43
N PRO B 141 23.97 -7.17 10.91
CA PRO B 141 24.28 -7.19 9.47
C PRO B 141 24.85 -8.52 8.97
N ASN B 142 24.68 -8.82 7.68
CA ASN B 142 25.22 -10.01 7.04
C ASN B 142 26.70 -9.65 6.79
N ASN B 143 27.55 -10.67 6.67
CA ASN B 143 28.95 -10.48 6.37
C ASN B 143 28.93 -10.28 4.88
N PHE B 144 28.83 -9.03 4.46
CA PHE B 144 28.74 -8.77 3.04
C PHE B 144 30.04 -9.04 2.33
N ASP B 145 31.13 -9.04 3.07
CA ASP B 145 32.41 -9.37 2.42
C ASP B 145 32.43 -10.81 1.93
N GLU B 146 31.95 -11.70 2.79
CA GLU B 146 31.85 -13.10 2.44
C GLU B 146 30.87 -13.29 1.29
N ILE B 147 29.80 -12.51 1.33
CA ILE B 147 28.73 -12.59 0.33
C ILE B 147 29.19 -12.16 -1.05
N ASN B 148 29.82 -10.99 -1.11
CA ASN B 148 30.40 -10.47 -2.35
C ASN B 148 31.45 -11.43 -2.99
N LYS B 149 32.12 -12.18 -2.11
CA LYS B 149 33.12 -13.16 -2.53
C LYS B 149 32.39 -14.26 -3.26
N ILE B 150 31.30 -14.72 -2.66
CA ILE B 150 30.53 -15.79 -3.30
C ILE B 150 30.05 -15.39 -4.71
N ILE B 151 29.59 -14.16 -4.85
CA ILE B 151 29.03 -13.70 -6.11
C ILE B 151 30.15 -13.53 -7.07
N GLY B 152 31.26 -13.02 -6.54
CA GLY B 152 32.47 -12.87 -7.32
C GLY B 152 32.40 -12.34 -8.74
N GLY B 153 31.85 -11.14 -8.90
CA GLY B 153 31.84 -10.58 -10.22
C GLY B 153 30.69 -11.06 -11.08
N ARG B 154 29.97 -12.14 -10.75
CA ARG B 154 28.89 -12.42 -11.67
C ARG B 154 27.72 -11.50 -11.53
N ASP B 155 26.86 -11.63 -12.52
CA ASP B 155 25.64 -10.83 -12.65
C ASP B 155 24.51 -11.32 -11.73
N ILE B 156 24.67 -11.09 -10.43
CA ILE B 156 23.68 -11.53 -9.47
C ILE B 156 23.36 -10.33 -8.65
N ILE B 157 22.08 -10.01 -8.56
CA ILE B 157 21.65 -8.84 -7.81
C ILE B 157 21.56 -9.13 -6.32
N LEU B 158 22.11 -8.21 -5.57
CA LEU B 158 22.10 -8.33 -4.15
C LEU B 158 21.10 -7.31 -3.66
N LEU B 159 20.25 -7.78 -2.77
CA LEU B 159 19.25 -6.90 -2.19
C LEU B 159 19.25 -7.13 -0.71
N GLU B 160 18.75 -6.11 -0.01
CA GLU B 160 18.61 -6.18 1.44
C GLU B 160 17.23 -5.75 1.96
N ASP B 161 16.73 -6.53 2.88
CA ASP B 161 15.55 -6.13 3.60
C ASP B 161 16.21 -5.69 4.96
N ASN B 162 16.30 -4.39 5.18
CA ASN B 162 16.94 -3.82 6.39
C ASN B 162 15.94 -3.26 7.37
N CYS B 163 14.69 -3.73 7.32
CA CYS B 163 13.60 -3.25 8.16
C CYS B 163 13.79 -3.44 9.68
N GLU B 164 14.73 -4.30 10.07
CA GLU B 164 15.03 -4.55 11.49
C GLU B 164 16.39 -4.02 11.93
N SER B 165 17.17 -3.60 10.95
CA SER B 165 18.51 -3.18 11.27
C SER B 165 18.88 -1.78 10.87
N MET B 166 17.96 -0.86 11.06
CA MET B 166 18.29 0.52 10.76
C MET B 166 19.39 0.85 11.73
N GLY B 167 20.46 1.42 11.20
CA GLY B 167 21.63 1.91 11.93
C GLY B 167 22.77 0.93 12.14
N ALA B 168 22.64 -0.29 11.65
CA ALA B 168 23.72 -1.24 11.86
C ALA B 168 24.83 -0.86 10.89
N THR B 169 26.05 -1.26 11.16
CA THR B 169 27.11 -0.98 10.18
C THR B 169 27.95 -2.23 10.01
N PHE B 170 28.68 -2.28 8.90
CA PHE B 170 29.54 -3.41 8.60
C PHE B 170 30.67 -2.78 7.82
N ASN B 171 31.87 -2.84 8.39
CA ASN B 171 33.02 -2.23 7.74
C ASN B 171 32.73 -0.73 7.59
N ASN B 172 32.10 -0.15 8.59
CA ASN B 172 31.85 1.27 8.52
C ASN B 172 30.94 1.69 7.40
N LYS B 173 30.32 0.71 6.77
CA LYS B 173 29.37 1.06 5.74
C LYS B 173 28.03 0.72 6.37
N CYS B 174 27.06 1.56 6.10
CA CYS B 174 25.75 1.31 6.64
C CYS B 174 24.99 0.18 5.98
N ALA B 175 24.43 -0.71 6.81
CA ALA B 175 23.54 -1.76 6.36
C ALA B 175 22.35 -1.16 5.60
N GLY B 176 21.92 -1.86 4.57
CA GLY B 176 20.84 -1.38 3.72
C GLY B 176 21.48 -0.72 2.49
N THR B 177 22.77 -0.37 2.58
CA THR B 177 23.42 0.29 1.44
C THR B 177 24.42 -0.56 0.68
N PHE B 178 24.45 -1.86 0.94
CA PHE B 178 25.34 -2.74 0.19
C PHE B 178 24.68 -3.25 -1.11
N GLY B 179 23.40 -3.62 -1.08
CA GLY B 179 22.70 -4.16 -2.23
C GLY B 179 22.34 -3.05 -3.20
N LEU B 180 21.90 -3.44 -4.39
CA LEU B 180 21.45 -2.45 -5.39
C LEU B 180 20.32 -1.59 -4.76
N MET B 181 19.53 -2.20 -3.88
CA MET B 181 18.53 -1.46 -3.09
C MET B 181 18.53 -2.02 -1.70
N GLY B 182 18.05 -1.18 -0.78
CA GLY B 182 17.86 -1.62 0.59
C GLY B 182 16.57 -1.05 1.14
N THR B 183 15.82 -1.88 1.87
CA THR B 183 14.57 -1.33 2.45
C THR B 183 14.62 -1.02 3.92
N PHE B 184 13.83 -0.04 4.37
CA PHE B 184 13.80 0.29 5.80
C PHE B 184 12.42 0.42 6.35
N SER B 185 12.27 0.29 7.66
CA SER B 185 10.93 0.51 8.21
C SER B 185 11.02 1.46 9.40
N SER B 186 10.02 2.33 9.47
CA SER B 186 9.86 3.30 10.55
C SER B 186 8.48 3.09 11.20
N PHE B 187 8.12 1.82 11.34
CA PHE B 187 6.88 1.42 11.99
C PHE B 187 6.99 1.43 13.49
N TYR B 188 5.90 1.72 14.16
CA TYR B 188 5.89 1.82 15.62
C TYR B 188 6.97 1.14 16.44
N SER B 189 7.10 -0.16 16.25
CA SER B 189 8.02 -0.98 17.04
C SER B 189 9.47 -1.00 16.60
N LYS B 190 9.77 -0.45 15.41
CA LYS B 190 11.12 -0.43 14.86
C LYS B 190 12.02 0.61 15.52
N HIS B 191 13.17 0.91 14.84
CA HIS B 191 14.23 1.84 15.30
C HIS B 191 13.77 3.27 15.46
N ILE B 192 13.07 3.75 14.43
CA ILE B 192 12.41 5.05 14.47
C ILE B 192 10.96 4.78 14.14
N ALA B 193 10.14 5.71 14.58
CA ALA B 193 8.72 5.50 14.42
C ALA B 193 8.08 6.73 13.85
N THR B 194 7.43 6.54 12.71
CA THR B 194 6.70 7.65 12.09
C THR B 194 5.28 7.09 11.97
N MET B 195 4.88 6.26 12.93
CA MET B 195 3.55 5.61 12.95
C MET B 195 3.59 4.43 12.01
N GLU B 196 3.57 4.67 10.70
CA GLU B 196 3.81 3.64 9.66
C GLU B 196 4.81 4.38 8.79
N GLY B 197 5.70 3.64 8.16
CA GLY B 197 6.66 4.32 7.29
C GLY B 197 7.68 3.32 6.80
N GLY B 198 8.19 3.51 5.59
CA GLY B 198 9.21 2.64 5.09
C GLY B 198 9.99 3.49 4.10
N CYS B 199 11.16 3.02 3.71
CA CYS B 199 12.00 3.72 2.74
C CYS B 199 12.79 2.73 1.93
N ILE B 200 13.17 3.14 0.75
CA ILE B 200 14.06 2.31 -0.09
C ILE B 200 15.22 3.24 -0.46
N VAL B 201 16.46 2.80 -0.39
CA VAL B 201 17.50 3.70 -0.85
C VAL B 201 18.19 3.02 -2.02
N THR B 202 18.78 3.77 -2.95
CA THR B 202 19.51 3.15 -4.06
C THR B 202 20.49 4.22 -4.57
N ASP B 203 21.53 3.78 -5.27
CA ASP B 203 22.52 4.71 -5.84
C ASP B 203 22.23 4.76 -7.35
N ASP B 204 21.29 3.96 -7.81
CA ASP B 204 20.97 3.86 -9.25
C ASP B 204 19.85 4.83 -9.64
N GLU B 205 20.15 5.80 -10.50
CA GLU B 205 19.15 6.82 -10.83
C GLU B 205 17.93 6.33 -11.60
N GLU B 206 18.17 5.36 -12.50
CA GLU B 206 17.06 4.80 -13.27
C GLU B 206 16.06 4.08 -12.33
N ILE B 207 16.58 3.22 -11.45
CA ILE B 207 15.69 2.50 -10.51
C ILE B 207 15.03 3.58 -9.63
N TYR B 208 15.81 4.60 -9.36
CA TYR B 208 15.33 5.61 -8.49
C TYR B 208 14.16 6.30 -9.17
N HIS B 209 14.29 6.63 -10.46
CA HIS B 209 13.16 7.24 -11.15
C HIS B 209 12.00 6.29 -11.28
N ILE B 210 12.28 5.01 -11.48
CA ILE B 210 11.21 4.01 -11.60
C ILE B 210 10.40 4.02 -10.28
N LEU B 211 11.08 4.06 -9.11
CA LEU B 211 10.40 4.11 -7.81
C LEU B 211 9.51 5.30 -7.67
N LEU B 212 9.97 6.46 -8.13
CA LEU B 212 9.13 7.66 -8.01
C LEU B 212 7.83 7.55 -8.80
N CYS B 213 7.94 6.77 -9.85
CA CYS B 213 6.83 6.58 -10.77
C CYS B 213 5.87 5.53 -10.20
N ILE B 214 6.36 4.35 -9.84
CA ILE B 214 5.43 3.33 -9.33
C ILE B 214 4.87 3.53 -7.92
N ARG B 215 5.46 4.46 -7.17
CA ARG B 215 4.95 4.74 -5.83
C ARG B 215 3.62 5.48 -5.93
N ALA B 216 3.46 6.26 -7.00
CA ALA B 216 2.27 7.08 -7.14
C ALA B 216 1.60 6.98 -8.51
N HIS B 217 0.79 5.95 -8.72
CA HIS B 217 -0.06 5.78 -9.89
C HIS B 217 0.59 5.51 -11.24
N GLY B 218 1.93 5.40 -11.23
CA GLY B 218 2.68 5.23 -12.50
C GLY B 218 2.60 6.54 -13.34
N TRP B 219 2.38 7.69 -12.68
CA TRP B 219 2.34 8.93 -13.47
C TRP B 219 3.75 9.53 -13.54
N THR B 220 3.89 10.68 -14.21
CA THR B 220 5.20 11.33 -14.46
C THR B 220 5.41 12.55 -13.57
N ARG B 221 4.33 12.87 -12.86
CA ARG B 221 4.33 14.00 -11.99
C ARG B 221 5.52 14.13 -11.07
N ASN B 222 6.07 13.07 -10.51
CA ASN B 222 7.21 13.28 -9.60
C ASN B 222 8.54 12.98 -10.26
N LEU B 223 8.57 12.88 -11.59
CA LEU B 223 9.83 12.66 -12.36
C LEU B 223 10.28 14.07 -12.78
N PRO B 224 11.59 14.25 -12.86
CA PRO B 224 12.23 15.50 -13.33
C PRO B 224 11.99 15.54 -14.84
N LYS B 225 12.06 16.74 -15.38
CA LYS B 225 11.77 17.01 -16.77
C LYS B 225 12.50 16.07 -17.68
N LYS B 226 13.77 15.88 -17.37
CA LYS B 226 14.58 14.93 -18.14
C LYS B 226 14.76 13.76 -17.17
N ASN B 227 14.27 12.58 -17.54
CA ASN B 227 14.31 11.43 -16.63
C ASN B 227 14.53 10.04 -17.28
N LYS B 228 14.96 9.09 -16.48
CA LYS B 228 15.30 7.79 -17.04
C LYS B 228 14.11 6.93 -17.44
N VAL B 229 12.89 7.38 -17.16
CA VAL B 229 11.73 6.54 -17.49
C VAL B 229 11.11 6.96 -18.78
N THR B 230 10.84 8.26 -18.90
CA THR B 230 10.21 8.74 -20.11
C THR B 230 11.06 9.64 -20.97
N GLY B 231 12.24 10.03 -20.49
CA GLY B 231 13.13 10.88 -21.29
C GLY B 231 12.94 12.33 -20.97
N VAL B 232 12.13 13.00 -21.80
CA VAL B 232 11.81 14.40 -21.60
C VAL B 232 10.31 14.63 -21.48
N LYS B 233 9.90 15.13 -20.32
CA LYS B 233 8.47 15.41 -20.09
C LYS B 233 7.99 16.57 -20.97
N SER B 234 6.78 16.41 -21.50
CA SER B 234 6.06 17.40 -22.32
C SER B 234 5.86 18.65 -21.48
N ASP B 235 5.47 19.73 -22.14
CA ASP B 235 5.22 20.95 -21.39
C ASP B 235 3.73 21.21 -21.23
N ASP B 236 2.94 20.52 -22.05
CA ASP B 236 1.50 20.64 -21.92
C ASP B 236 1.03 19.81 -20.73
N GLN B 237 0.92 20.46 -19.58
CA GLN B 237 0.51 19.76 -18.36
C GLN B 237 -0.84 19.10 -18.47
N PHE B 238 -1.68 19.65 -19.34
CA PHE B 238 -3.00 19.09 -19.61
C PHE B 238 -2.78 17.66 -20.01
N GLU B 239 -1.73 17.37 -20.76
CA GLU B 239 -1.46 15.98 -21.10
C GLU B 239 -0.47 15.29 -20.18
N GLU B 240 0.66 15.93 -19.98
CA GLU B 240 1.73 15.39 -19.17
C GLU B 240 1.25 14.95 -17.79
N SER B 241 0.41 15.74 -17.13
CA SER B 241 -0.01 15.35 -15.80
C SER B 241 -0.93 14.17 -15.67
N PHE B 242 -1.35 13.64 -16.80
CA PHE B 242 -2.23 12.50 -16.72
C PHE B 242 -1.77 11.42 -17.66
N LYS B 243 -0.47 11.25 -17.69
CA LYS B 243 0.17 10.26 -18.54
C LYS B 243 0.59 9.10 -17.62
N PHE B 244 0.20 7.88 -17.96
CA PHE B 244 0.54 6.70 -17.16
C PHE B 244 1.45 5.80 -17.92
N VAL B 245 2.57 5.49 -17.31
CA VAL B 245 3.60 4.76 -18.03
C VAL B 245 4.07 3.47 -17.39
N LEU B 246 3.86 3.21 -16.12
CA LEU B 246 4.37 1.93 -15.61
C LEU B 246 3.24 1.53 -14.69
N PRO B 247 3.03 0.24 -14.49
CA PRO B 247 1.97 -0.26 -13.64
C PRO B 247 2.39 -0.22 -12.16
N GLY B 248 2.05 0.88 -11.50
CA GLY B 248 2.41 1.07 -10.13
C GLY B 248 1.24 0.96 -9.20
N TYR B 249 1.40 1.67 -8.10
CA TYR B 249 0.50 1.71 -6.98
C TYR B 249 0.35 3.10 -6.43
N ASN B 250 -0.44 3.13 -5.36
CA ASN B 250 -0.57 4.33 -4.53
C ASN B 250 -0.04 3.87 -3.19
N VAL B 251 1.24 4.15 -2.93
CA VAL B 251 1.86 3.76 -1.65
C VAL B 251 2.60 4.96 -1.00
N ARG B 252 2.08 6.14 -1.31
CA ARG B 252 2.59 7.45 -0.85
C ARG B 252 2.48 7.51 0.64
N PRO B 253 3.49 8.07 1.30
CA PRO B 253 3.41 8.22 2.73
C PRO B 253 2.67 9.51 3.02
N LEU B 254 2.38 9.76 4.28
CA LEU B 254 1.71 10.97 4.69
C LEU B 254 2.73 12.01 5.06
N GLU B 255 2.41 13.26 4.76
CA GLU B 255 3.29 14.37 5.08
C GLU B 255 3.68 14.37 6.57
N MET B 256 2.74 14.03 7.45
CA MET B 256 2.97 13.96 8.89
C MET B 256 4.06 12.97 9.15
N SER B 257 3.98 11.83 8.48
CA SER B 257 5.01 10.81 8.64
C SER B 257 6.36 11.36 8.18
N GLY B 258 6.34 12.20 7.15
CA GLY B 258 7.60 12.79 6.66
C GLY B 258 8.16 13.71 7.72
N ALA B 259 7.28 14.58 8.24
CA ALA B 259 7.65 15.52 9.31
C ALA B 259 8.13 14.77 10.59
N ILE B 260 7.38 13.79 11.11
CA ILE B 260 7.85 13.03 12.29
C ILE B 260 9.16 12.32 12.01
N GLY B 261 9.27 11.90 10.76
CA GLY B 261 10.47 11.23 10.37
C GLY B 261 11.73 12.02 10.52
N ILE B 262 11.67 13.31 10.18
CA ILE B 262 12.83 14.20 10.28
C ILE B 262 13.36 14.48 11.71
N GLU B 263 12.47 14.46 12.67
CA GLU B 263 12.87 14.65 14.06
C GLU B 263 13.51 13.36 14.54
N GLN B 264 12.98 12.21 14.11
CA GLN B 264 13.50 10.90 14.51
C GLN B 264 14.95 10.65 14.10
N LEU B 265 15.31 11.09 12.89
CA LEU B 265 16.65 10.91 12.36
C LEU B 265 17.65 11.69 13.21
N LYS B 266 17.13 12.78 13.73
CA LYS B 266 17.96 13.66 14.52
C LYS B 266 18.35 12.96 15.78
N LYS B 267 17.46 12.10 16.26
CA LYS B 267 17.71 11.36 17.49
C LYS B 267 18.34 9.99 17.38
N LEU B 268 18.52 9.56 16.13
CA LEU B 268 19.02 8.22 15.86
C LEU B 268 20.25 7.66 16.57
N PRO B 269 21.33 8.44 16.49
CA PRO B 269 22.63 8.14 17.09
C PRO B 269 22.47 7.76 18.56
N ARG B 270 21.68 8.57 19.27
CA ARG B 270 21.39 8.35 20.69
C ARG B 270 20.68 6.97 20.87
N PHE B 271 19.63 6.76 20.07
CA PHE B 271 18.87 5.53 20.16
C PHE B 271 19.83 4.36 20.05
N ILE B 272 20.63 4.46 19.00
CA ILE B 272 21.57 3.41 18.63
C ILE B 272 22.46 3.20 19.82
N SER B 273 23.09 4.28 20.29
CA SER B 273 24.01 4.18 21.45
C SER B 273 23.42 3.50 22.66
N VAL B 274 22.27 3.99 23.08
CA VAL B 274 21.66 3.35 24.21
C VAL B 274 21.34 1.93 23.90
N ARG B 275 20.81 1.71 22.72
CA ARG B 275 20.43 0.34 22.45
C ARG B 275 21.64 -0.57 22.52
N ARG B 276 22.77 -0.03 22.09
CA ARG B 276 24.02 -0.80 22.08
C ARG B 276 24.58 -1.00 23.50
N LYS B 277 24.36 0.00 24.36
CA LYS B 277 24.82 -0.05 25.75
C LYS B 277 24.01 -1.14 26.44
N ASN B 278 22.71 -1.10 26.20
CA ASN B 278 21.86 -2.11 26.77
C ASN B 278 22.42 -3.49 26.40
N ALA B 279 22.66 -3.71 25.11
CA ALA B 279 23.15 -4.98 24.59
C ALA B 279 24.43 -5.47 25.24
N GLU B 280 25.42 -4.58 25.34
CA GLU B 280 26.66 -4.95 25.98
C GLU B 280 26.28 -5.50 27.35
N TYR B 281 25.64 -4.66 28.14
CA TYR B 281 25.18 -5.09 29.44
C TYR B 281 24.59 -6.49 29.37
N PHE B 282 23.64 -6.69 28.45
CA PHE B 282 22.95 -7.98 28.34
C PHE B 282 23.95 -9.05 28.03
N LEU B 283 24.89 -8.71 27.18
CA LEU B 283 25.90 -9.69 26.82
C LEU B 283 26.56 -10.43 27.97
N ASP B 284 27.31 -9.71 28.81
CA ASP B 284 28.05 -10.36 29.88
C ASP B 284 27.18 -10.90 30.99
N LYS B 285 25.94 -10.45 31.00
CA LYS B 285 25.02 -10.95 32.00
C LYS B 285 24.63 -12.35 31.56
N PHE B 286 24.62 -12.51 30.24
CA PHE B 286 24.21 -13.74 29.62
C PHE B 286 25.35 -14.52 29.01
N LYS B 287 26.53 -13.95 29.15
CA LYS B 287 27.78 -14.54 28.65
C LYS B 287 27.82 -16.05 28.71
N ASP B 288 27.99 -16.60 29.91
CA ASP B 288 28.12 -18.04 30.02
C ASP B 288 26.88 -18.83 30.40
N HIS B 289 25.74 -18.27 30.03
CA HIS B 289 24.48 -18.90 30.31
C HIS B 289 24.39 -20.36 29.92
N PRO B 290 24.21 -21.17 30.95
CA PRO B 290 24.20 -22.61 30.90
C PRO B 290 23.29 -23.28 29.90
N TYR B 291 22.13 -22.69 29.64
CA TYR B 291 21.22 -23.33 28.71
C TYR B 291 20.74 -22.52 27.53
N LEU B 292 21.19 -21.28 27.41
CA LEU B 292 20.70 -20.45 26.31
C LEU B 292 21.81 -19.86 25.52
N ASP B 293 21.66 -19.93 24.20
CA ASP B 293 22.65 -19.32 23.33
C ASP B 293 22.18 -17.91 23.01
N VAL B 294 23.13 -17.00 22.86
CA VAL B 294 22.74 -15.67 22.48
C VAL B 294 23.23 -15.42 21.04
N GLN B 295 22.79 -14.32 20.44
CA GLN B 295 23.12 -13.94 19.05
C GLN B 295 24.55 -13.40 18.89
N GLN B 296 25.27 -13.97 17.91
CA GLN B 296 26.64 -13.58 17.59
C GLN B 296 26.63 -12.33 16.74
N GLU B 297 27.36 -11.31 17.17
CA GLU B 297 27.40 -10.06 16.44
C GLU B 297 28.43 -10.05 15.31
N THR B 298 28.00 -9.50 14.18
CA THR B 298 28.83 -9.33 12.99
C THR B 298 28.74 -7.82 12.85
N GLY B 299 29.86 -7.16 12.58
CA GLY B 299 29.87 -5.69 12.50
C GLY B 299 29.43 -5.01 13.82
N GLU B 300 28.47 -4.10 13.72
CA GLU B 300 27.88 -3.40 14.86
C GLU B 300 26.36 -3.53 14.75
N SER B 301 25.76 -4.50 15.46
CA SER B 301 24.32 -4.72 15.39
C SER B 301 23.68 -3.42 15.87
N SER B 302 22.43 -3.22 15.49
CA SER B 302 21.67 -2.09 15.98
C SER B 302 20.79 -2.72 17.10
N TRP B 303 21.00 -4.01 17.38
CA TRP B 303 20.26 -4.65 18.49
C TRP B 303 18.80 -4.31 18.68
N PHE B 304 18.08 -4.70 17.65
CA PHE B 304 16.67 -4.48 17.64
C PHE B 304 16.05 -5.16 18.87
N GLY B 305 16.58 -6.33 19.22
CA GLY B 305 16.03 -7.10 20.35
C GLY B 305 17.01 -8.21 20.72
N PHE B 306 16.62 -9.08 21.64
CA PHE B 306 17.53 -10.15 22.07
C PHE B 306 16.96 -11.54 21.88
N SER B 307 17.67 -12.37 21.12
CA SER B 307 17.21 -13.73 20.87
C SER B 307 17.76 -14.70 21.93
N PHE B 308 17.07 -15.82 22.15
CA PHE B 308 17.56 -16.78 23.09
C PHE B 308 17.26 -18.06 22.42
N ILE B 309 18.25 -18.96 22.45
CA ILE B 309 18.11 -20.28 21.86
C ILE B 309 18.57 -21.31 22.89
N ILE B 310 17.65 -22.18 23.31
CA ILE B 310 17.85 -23.21 24.35
C ILE B 310 18.94 -24.15 23.82
N LYS B 311 20.01 -24.38 24.56
CA LYS B 311 21.15 -25.14 24.07
C LYS B 311 20.83 -26.54 23.64
N LYS B 312 21.57 -27.02 22.65
CA LYS B 312 21.39 -28.37 22.21
C LYS B 312 21.74 -29.30 23.34
N ASP B 313 20.79 -30.14 23.68
CA ASP B 313 20.98 -31.03 24.84
C ASP B 313 21.05 -30.14 26.08
N SER B 314 19.86 -29.91 26.62
CA SER B 314 19.65 -29.15 27.84
C SER B 314 18.48 -29.71 28.59
N GLY B 315 17.62 -30.43 27.90
CA GLY B 315 16.34 -30.80 28.48
C GLY B 315 15.42 -29.66 28.87
N VAL B 316 15.54 -28.53 28.22
CA VAL B 316 14.65 -27.43 28.55
C VAL B 316 13.53 -27.18 27.61
N ILE B 317 12.35 -26.99 28.13
CA ILE B 317 11.18 -26.91 27.31
C ILE B 317 10.88 -25.45 27.07
N ARG B 318 10.76 -25.10 25.80
CA ARG B 318 10.45 -23.72 25.49
C ARG B 318 9.28 -23.26 26.36
N LYS B 319 8.21 -24.06 26.36
CA LYS B 319 7.02 -23.73 27.16
C LYS B 319 7.36 -23.16 28.52
N GLN B 320 8.15 -23.86 29.34
CA GLN B 320 8.45 -23.27 30.63
C GLN B 320 8.90 -21.81 30.53
N LEU B 321 10.01 -21.58 29.82
CA LEU B 321 10.60 -20.25 29.71
C LEU B 321 9.58 -19.15 29.46
N VAL B 322 8.67 -19.41 28.54
CA VAL B 322 7.64 -18.43 28.21
C VAL B 322 6.80 -18.31 29.48
N GLU B 323 6.08 -19.38 29.86
CA GLU B 323 5.31 -19.44 31.11
C GLU B 323 6.11 -18.51 32.04
N ASN B 324 7.33 -18.92 32.29
CA ASN B 324 8.20 -18.20 33.16
C ASN B 324 8.26 -16.72 32.93
N LEU B 325 8.50 -16.31 31.68
CA LEU B 325 8.66 -14.90 31.33
C LEU B 325 7.34 -14.16 31.41
N ASN B 326 6.27 -14.90 31.22
CA ASN B 326 4.97 -14.29 31.26
C ASN B 326 4.55 -13.97 32.69
N SER B 327 4.77 -14.94 33.56
CA SER B 327 4.51 -14.81 34.99
C SER B 327 5.28 -13.61 35.58
N ALA B 328 6.46 -13.31 35.04
CA ALA B 328 7.35 -12.19 35.45
C ALA B 328 6.96 -10.91 34.73
N GLY B 329 5.88 -10.95 33.96
CA GLY B 329 5.49 -9.76 33.23
C GLY B 329 6.48 -9.29 32.16
N ILE B 330 7.40 -10.16 31.74
CA ILE B 330 8.28 -9.82 30.64
C ILE B 330 7.67 -10.34 29.30
N GLU B 331 7.44 -9.40 28.38
CA GLU B 331 6.83 -9.71 27.09
C GLU B 331 7.77 -10.53 26.19
N CYS B 332 7.28 -11.63 25.64
CA CYS B 332 8.16 -12.41 24.80
C CYS B 332 7.49 -12.86 23.51
N ARG B 333 8.32 -13.32 22.59
CA ARG B 333 7.84 -13.79 21.31
C ARG B 333 8.88 -14.67 20.62
N PRO B 334 8.41 -15.23 19.52
CA PRO B 334 9.21 -16.05 18.61
C PRO B 334 10.27 -15.15 18.01
N ILE B 335 11.29 -15.76 17.43
CA ILE B 335 12.32 -15.00 16.75
C ILE B 335 11.76 -14.71 15.37
N VAL B 336 11.41 -13.44 15.17
CA VAL B 336 10.72 -13.01 13.96
C VAL B 336 9.48 -13.87 13.80
N THR B 337 9.48 -14.78 12.83
CA THR B 337 8.29 -15.60 12.63
C THR B 337 8.68 -17.05 12.77
N GLY B 338 9.93 -17.29 13.17
CA GLY B 338 10.51 -18.63 13.26
C GLY B 338 10.87 -19.16 11.87
N ASN B 339 10.58 -20.43 11.66
CA ASN B 339 10.89 -21.10 10.42
C ASN B 339 9.76 -20.75 9.46
N PHE B 340 10.05 -19.83 8.55
CA PHE B 340 8.98 -19.36 7.70
C PHE B 340 8.41 -20.52 6.94
N LEU B 341 9.22 -21.55 6.77
CA LEU B 341 8.81 -22.65 5.93
C LEU B 341 7.74 -23.48 6.58
N LYS B 342 7.47 -23.24 7.85
CA LYS B 342 6.38 -24.00 8.45
C LYS B 342 4.95 -23.62 7.98
N ASN B 343 4.86 -22.52 7.21
CA ASN B 343 3.58 -21.98 6.76
C ASN B 343 3.12 -22.55 5.43
N THR B 344 2.82 -23.84 5.44
CA THR B 344 2.45 -24.64 4.27
C THR B 344 1.27 -24.15 3.44
N ASP B 345 0.38 -23.43 4.12
CA ASP B 345 -0.83 -22.81 3.58
C ASP B 345 -0.56 -21.69 2.60
N VAL B 346 0.36 -20.81 2.95
CA VAL B 346 0.73 -19.73 2.08
C VAL B 346 1.76 -20.28 1.10
N LEU B 347 2.52 -21.30 1.52
CA LEU B 347 3.52 -21.89 0.61
C LEU B 347 2.90 -22.46 -0.63
N LYS B 348 1.63 -22.85 -0.51
CA LYS B 348 0.86 -23.37 -1.65
C LYS B 348 0.92 -22.40 -2.83
N TYR B 349 1.05 -21.12 -2.53
CA TYR B 349 1.03 -20.15 -3.60
C TYR B 349 2.32 -19.85 -4.30
N PHE B 350 3.43 -20.29 -3.71
CA PHE B 350 4.73 -19.96 -4.24
C PHE B 350 5.27 -20.97 -5.17
N ASP B 351 6.14 -20.46 -6.01
CA ASP B 351 6.87 -21.36 -6.87
C ASP B 351 8.21 -21.43 -6.17
N TYR B 352 8.42 -22.48 -5.39
CA TYR B 352 9.65 -22.54 -4.62
C TYR B 352 10.29 -23.91 -4.42
N THR B 353 11.50 -23.88 -3.84
CA THR B 353 12.23 -25.11 -3.49
C THR B 353 13.10 -24.82 -2.26
N VAL B 354 13.61 -25.85 -1.59
CA VAL B 354 14.49 -25.58 -0.43
C VAL B 354 15.89 -26.09 -0.65
N HIS B 355 16.89 -25.28 -0.30
CA HIS B 355 18.24 -25.72 -0.49
C HIS B 355 18.64 -26.68 0.57
N ASN B 356 18.92 -27.92 0.15
CA ASN B 356 19.41 -28.89 1.10
C ASN B 356 18.34 -29.03 2.21
N ASN B 357 18.50 -28.32 3.33
CA ASN B 357 17.50 -28.41 4.41
C ASN B 357 17.50 -27.08 5.15
N VAL B 358 16.66 -26.97 6.19
CA VAL B 358 16.59 -25.77 7.01
C VAL B 358 16.38 -26.17 8.47
N ASP B 359 17.22 -27.12 8.86
CA ASP B 359 17.18 -27.67 10.22
C ASP B 359 17.52 -26.60 11.22
N ASN B 360 18.43 -25.70 10.86
CA ASN B 360 18.74 -24.62 11.80
C ASN B 360 17.43 -23.81 12.00
N ALA B 361 16.77 -23.45 10.91
CA ALA B 361 15.54 -22.71 11.02
C ALA B 361 14.54 -23.50 11.86
N GLU B 362 14.47 -24.83 11.71
CA GLU B 362 13.49 -25.55 12.52
C GLU B 362 13.87 -25.66 13.99
N TYR B 363 15.17 -25.65 14.25
CA TYR B 363 15.57 -25.80 15.64
C TYR B 363 15.15 -24.51 16.31
N LEU B 364 15.46 -23.41 15.64
CA LEU B 364 15.19 -22.11 16.17
C LEU B 364 13.68 -22.00 16.34
N ASP B 365 13.00 -22.49 15.34
CA ASP B 365 11.56 -22.42 15.44
C ASP B 365 11.01 -23.09 16.69
N LYS B 366 11.70 -24.11 17.20
CA LYS B 366 11.12 -24.84 18.32
C LYS B 366 11.81 -24.51 19.62
N ASN B 367 13.03 -24.03 19.51
CA ASN B 367 13.78 -23.66 20.72
C ASN B 367 14.14 -22.21 20.80
N GLY B 368 13.61 -21.40 19.87
CA GLY B 368 14.00 -19.99 19.89
C GLY B 368 13.01 -19.08 20.58
N LEU B 369 13.46 -17.97 21.16
CA LEU B 369 12.55 -17.00 21.63
C LEU B 369 13.15 -15.64 21.70
N PHE B 370 12.35 -14.63 21.97
CA PHE B 370 12.94 -13.31 21.85
C PHE B 370 12.20 -12.26 22.65
N VAL B 371 12.95 -11.32 23.23
CA VAL B 371 12.44 -10.18 23.98
C VAL B 371 13.11 -8.97 23.37
N GLY B 372 12.34 -7.88 23.42
CA GLY B 372 12.72 -6.64 22.78
C GLY B 372 13.69 -5.78 23.55
N ASN B 373 14.49 -5.02 22.79
CA ASN B 373 15.51 -4.08 23.30
C ASN B 373 14.91 -2.69 22.99
N HIS B 374 15.30 -1.66 23.75
CA HIS B 374 14.79 -0.27 23.61
C HIS B 374 15.85 0.76 23.72
N GLN B 375 15.45 1.98 23.39
CA GLN B 375 16.39 3.09 23.39
C GLN B 375 16.46 3.85 24.71
N ILE B 376 15.99 3.22 25.78
CA ILE B 376 16.07 3.75 27.15
C ILE B 376 16.89 2.71 27.88
N GLU B 377 17.67 3.13 28.87
CA GLU B 377 18.49 2.17 29.60
C GLU B 377 17.65 1.06 30.23
N LEU B 378 18.13 -0.18 30.25
CA LEU B 378 17.26 -1.22 30.82
C LEU B 378 18.02 -2.15 31.75
N PHE B 379 19.16 -1.68 32.27
CA PHE B 379 20.01 -2.53 33.09
C PHE B 379 19.20 -3.30 34.08
N ASP B 380 18.22 -2.63 34.66
CA ASP B 380 17.34 -3.28 35.64
C ASP B 380 16.42 -4.40 35.10
N GLU B 381 15.84 -4.19 33.90
CA GLU B 381 15.01 -5.23 33.29
C GLU B 381 15.94 -6.42 33.08
N ILE B 382 17.17 -6.10 32.71
CA ILE B 382 18.19 -7.07 32.32
C ILE B 382 18.55 -8.01 33.46
N ASP B 383 19.05 -7.39 34.52
CA ASP B 383 19.38 -8.04 35.78
C ASP B 383 18.16 -8.94 36.12
N TYR B 384 16.98 -8.33 36.03
CA TYR B 384 15.77 -9.06 36.31
C TYR B 384 15.62 -10.23 35.37
N LEU B 385 15.87 -10.00 34.07
CA LEU B 385 15.71 -11.03 33.06
C LEU B 385 16.62 -12.18 33.36
N ARG B 386 17.85 -11.83 33.69
CA ARG B 386 18.86 -12.82 34.02
C ARG B 386 18.38 -13.71 35.17
N GLU B 387 17.99 -13.04 36.24
CA GLU B 387 17.40 -13.66 37.41
C GLU B 387 16.22 -14.55 37.02
N VAL B 388 15.40 -14.14 36.08
CA VAL B 388 14.26 -14.97 35.74
C VAL B 388 14.73 -16.15 34.87
N LEU B 389 15.82 -15.95 34.16
CA LEU B 389 16.26 -16.98 33.25
C LEU B 389 17.43 -17.72 33.81
N LYS B 390 17.33 -18.03 35.08
CA LYS B 390 18.39 -18.82 35.66
C LYS B 390 17.92 -20.26 35.55
N1 PGU C . -10.43 4.79 -8.54
C2 PGU C . -11.05 5.84 -9.04
C2A PGU C . -12.14 5.57 -10.04
C3 PGU C . -10.69 7.15 -8.64
O3 PGU C . -11.30 8.25 -9.13
C4 PGU C . -9.62 7.35 -7.75
C4A PGU C . -9.19 8.75 -7.36
C5 PGU C . -8.95 6.19 -7.29
C6 PGU C . -9.41 4.94 -7.68
C5A PGU C . -7.75 6.29 -6.40
O4P PGU C . -8.12 6.38 -5.08
P PGU C . -6.94 7.01 -4.26
O1P PGU C . -7.47 7.11 -2.76
O2P PGU C . -6.59 8.44 -4.82
O3P PGU C . -5.63 6.16 -4.44
N PGU C . -8.49 9.39 -8.51
CA PGU C . -7.84 10.69 -8.11
CB PGU C . -6.34 10.44 -7.89
CG PGU C . -5.84 11.38 -6.81
CD PGU C . -4.62 10.79 -6.13
OE1 PGU C . -3.50 11.39 -6.26
OE2 PGU C . -4.72 9.68 -5.44
C PGU C . -8.02 11.73 -9.25
O PGU C . -7.21 12.72 -9.33
OXT PGU C . -8.94 11.57 -10.13
N1 PGU D . 10.57 -6.82 6.83
C2 PGU D . 11.20 -7.08 7.97
C2A PGU D . 12.48 -7.87 7.94
C3 PGU D . 10.74 -6.64 9.21
O3 PGU D . 11.43 -6.92 10.33
C4 PGU D . 9.57 -5.91 9.33
C4A PGU D . 9.11 -5.42 10.74
C5 PGU D . 8.87 -5.74 8.06
C6 PGU D . 9.42 -6.18 6.86
C5A PGU D . 7.54 -5.06 7.91
O4P PGU D . 7.72 -3.70 7.54
P PGU D . 6.46 -2.84 8.07
O1P PGU D . 6.97 -1.32 8.17
O2P PGU D . 6.01 -3.41 9.51
O3P PGU D . 5.27 -3.02 7.03
N PGU D . 8.23 -6.44 11.35
CA PGU D . 7.50 -6.00 12.33
CB PGU D . 6.03 -6.01 11.87
CG PGU D . 5.36 -4.72 12.33
CD PGU D . 4.01 -4.57 11.64
OE1 PGU D . 3.90 -3.85 10.59
OE2 PGU D . 2.98 -5.17 12.13
C PGU D . 7.65 -7.03 13.46
O PGU D . 6.76 -7.10 14.37
OXT PGU D . 8.65 -7.84 13.44
#